data_2GAK
#
_entry.id   2GAK
#
_cell.length_a   126.779
_cell.length_b   79.979
_cell.length_c   104.971
_cell.angle_alpha   90.00
_cell.angle_beta   107.70
_cell.angle_gamma   90.00
#
_symmetry.space_group_name_H-M   'C 1 2 1'
#
loop_
_entity.id
_entity.type
_entity.pdbx_description
1 polymer beta-1,6-N-acetylglucosaminyltransferase
2 non-polymer 2-acetamido-2-deoxy-beta-D-glucopyranose
3 water water
#
_entity_poly.entity_id   1
_entity_poly.type   'polypeptide(L)'
_entity_poly.pdbx_seq_one_letter_code
;PEFFSVRHLELAGDDPYSNVNCTKILQGDPEEIQKVKLEILTVQFKKRPRWTPHDYINMTRDCASFIRTRKYIVEPLTKE
EVGFPIAYSIVVHHKIEMLDRLLRAIYMPQNFYCIHVDRKAEESFLAAVQGIASCFDNVFVASQLESVVYASWTRVKADL
NCMKDLYRMNANWKYLINLCGMDFPIKTNLEIVRKLKCSTGENNLETEKMPPNKEERWKKRYAVVDGKLTNTGIVKAPPP
LKTPLFSGSAYFVVTREYVGYVLENENIQKLMEWAQDTYSPDEFLWATIQRIPEVPGSFPSSNKYDLSDMNAIARFVKWQ
YFEGDVSNGAPYPPCSGVHVRSVCVFGAGDLSWMLRQHHLFANKFDMDVDPFAIQCLDEHLRRKALENLEH
;
_entity_poly.pdbx_strand_id   A,B
#
# COMPACT_ATOMS: atom_id res chain seq x y z
N ARG A 7 -0.84 -35.36 -4.75
CA ARG A 7 -0.70 -34.92 -3.33
C ARG A 7 -1.83 -35.43 -2.45
N HIS A 8 -1.47 -35.72 -1.22
CA HIS A 8 -2.39 -36.21 -0.20
C HIS A 8 -2.92 -34.98 0.53
N LEU A 9 -2.56 -33.80 0.04
CA LEU A 9 -2.97 -32.55 0.68
C LEU A 9 -3.95 -31.67 -0.09
N GLU A 10 -4.52 -32.16 -1.17
CA GLU A 10 -5.46 -31.34 -1.92
C GLU A 10 -6.85 -31.41 -1.30
N LEU A 11 -7.62 -30.35 -1.47
CA LEU A 11 -8.97 -30.28 -0.91
C LEU A 11 -10.04 -30.14 -1.99
N ASN A 19 -20.89 -31.34 -4.99
CA ASN A 19 -21.08 -31.41 -6.44
C ASN A 19 -21.04 -30.03 -7.09
N VAL A 20 -20.48 -29.06 -6.38
CA VAL A 20 -20.38 -27.69 -6.88
C VAL A 20 -19.00 -27.44 -7.49
N ASN A 21 -18.97 -26.71 -8.60
CA ASN A 21 -17.72 -26.41 -9.28
C ASN A 21 -17.15 -25.09 -8.77
N CYS A 22 -16.25 -25.18 -7.79
CA CYS A 22 -15.65 -24.00 -7.20
C CYS A 22 -14.92 -23.11 -8.20
N THR A 23 -14.39 -23.70 -9.26
CA THR A 23 -13.69 -22.92 -10.27
C THR A 23 -14.60 -21.87 -10.89
N LYS A 24 -15.85 -22.25 -11.14
CA LYS A 24 -16.82 -21.33 -11.71
C LYS A 24 -17.24 -20.26 -10.71
N ILE A 25 -17.36 -20.64 -9.45
CA ILE A 25 -17.74 -19.72 -8.40
C ILE A 25 -16.69 -18.61 -8.27
N LEU A 26 -15.43 -19.01 -8.22
CA LEU A 26 -14.33 -18.07 -8.10
C LEU A 26 -14.30 -17.12 -9.28
N GLN A 27 -14.88 -17.54 -10.39
CA GLN A 27 -14.92 -16.72 -11.60
C GLN A 27 -16.20 -15.89 -11.63
N GLY A 28 -17.02 -16.04 -10.60
CA GLY A 28 -18.26 -15.28 -10.53
C GLY A 28 -19.37 -15.78 -11.43
N ASP A 29 -19.29 -17.03 -11.87
CA ASP A 29 -20.30 -17.61 -12.75
C ASP A 29 -21.69 -17.51 -12.12
N PRO A 30 -22.56 -16.64 -12.67
CA PRO A 30 -23.91 -16.44 -12.14
C PRO A 30 -24.68 -17.75 -11.97
N GLU A 31 -24.51 -18.65 -12.93
CA GLU A 31 -25.18 -19.94 -12.90
C GLU A 31 -24.72 -20.81 -11.74
N GLU A 32 -23.40 -20.93 -11.56
CA GLU A 32 -22.86 -21.75 -10.48
C GLU A 32 -23.21 -21.17 -9.11
N ILE A 33 -23.24 -19.85 -9.02
CA ILE A 33 -23.57 -19.17 -7.77
C ILE A 33 -25.02 -19.46 -7.39
N GLN A 34 -25.91 -19.34 -8.37
CA GLN A 34 -27.32 -19.60 -8.14
C GLN A 34 -27.52 -21.04 -7.67
N LYS A 35 -26.73 -21.95 -8.24
CA LYS A 35 -26.81 -23.36 -7.88
C LYS A 35 -26.45 -23.60 -6.43
N VAL A 36 -25.40 -22.95 -5.94
CA VAL A 36 -24.99 -23.15 -4.55
C VAL A 36 -26.04 -22.60 -3.59
N LYS A 37 -26.67 -21.49 -3.97
CA LYS A 37 -27.70 -20.89 -3.13
C LYS A 37 -28.92 -21.80 -2.98
N LEU A 38 -29.23 -22.54 -4.05
CA LEU A 38 -30.36 -23.46 -3.99
C LEU A 38 -29.96 -24.71 -3.23
N GLU A 39 -28.67 -25.03 -3.28
CA GLU A 39 -28.14 -26.20 -2.58
C GLU A 39 -28.26 -25.95 -1.08
N ILE A 40 -27.92 -24.74 -0.66
CA ILE A 40 -27.99 -24.34 0.73
C ILE A 40 -29.40 -24.44 1.29
N LEU A 41 -30.39 -24.15 0.46
CA LEU A 41 -31.78 -24.19 0.87
C LEU A 41 -32.32 -25.62 1.03
N THR A 42 -31.67 -26.58 0.39
CA THR A 42 -32.09 -27.98 0.45
C THR A 42 -32.18 -28.52 1.87
N VAL A 43 -33.27 -29.23 2.16
CA VAL A 43 -33.48 -29.82 3.48
C VAL A 43 -32.37 -30.85 3.72
N GLN A 44 -31.98 -31.53 2.65
CA GLN A 44 -30.94 -32.56 2.72
C GLN A 44 -29.62 -31.95 3.18
N PHE A 45 -29.32 -30.74 2.71
CA PHE A 45 -28.08 -30.07 3.09
C PHE A 45 -28.12 -29.61 4.54
N LYS A 46 -29.09 -28.75 4.86
CA LYS A 46 -29.20 -28.22 6.23
C LYS A 46 -29.32 -29.33 7.27
N LYS A 47 -29.66 -30.54 6.82
CA LYS A 47 -29.79 -31.68 7.72
C LYS A 47 -28.59 -32.61 7.58
N ARG A 48 -27.46 -32.04 7.19
CA ARG A 48 -26.23 -32.82 7.01
C ARG A 48 -25.51 -32.92 8.35
N PRO A 49 -24.84 -34.06 8.61
CA PRO A 49 -24.12 -34.28 9.85
C PRO A 49 -22.96 -33.29 10.05
N ARG A 50 -22.90 -32.67 11.22
CA ARG A 50 -21.85 -31.72 11.54
C ARG A 50 -21.04 -32.27 12.70
N TRP A 51 -19.75 -31.92 12.77
CA TRP A 51 -18.90 -32.39 13.86
C TRP A 51 -19.15 -31.63 15.15
N THR A 52 -18.91 -32.29 16.26
CA THR A 52 -19.11 -31.70 17.58
C THR A 52 -17.77 -31.58 18.28
N PRO A 53 -17.69 -30.76 19.35
CA PRO A 53 -16.43 -30.61 20.06
C PRO A 53 -15.91 -31.96 20.55
N HIS A 54 -16.82 -32.87 20.86
CA HIS A 54 -16.43 -34.19 21.33
C HIS A 54 -15.81 -35.02 20.19
N ASP A 55 -16.28 -34.77 18.97
CA ASP A 55 -15.74 -35.47 17.82
C ASP A 55 -14.27 -35.10 17.69
N TYR A 56 -13.97 -33.81 17.85
CA TYR A 56 -12.60 -33.34 17.75
C TYR A 56 -11.75 -33.82 18.93
N ILE A 57 -12.34 -33.91 20.12
CA ILE A 57 -11.61 -34.38 21.30
C ILE A 57 -11.08 -35.78 21.02
N ASN A 58 -11.92 -36.60 20.38
CA ASN A 58 -11.52 -37.97 20.06
C ASN A 58 -10.55 -38.00 18.88
N MET A 59 -10.96 -37.39 17.77
CA MET A 59 -10.12 -37.36 16.58
C MET A 59 -8.69 -36.90 16.87
N THR A 60 -8.53 -35.94 17.79
CA THR A 60 -7.20 -35.42 18.13
C THR A 60 -6.46 -36.31 19.12
N ARG A 61 -7.05 -37.44 19.49
CA ARG A 61 -6.41 -38.36 20.41
C ARG A 61 -5.20 -38.95 19.68
N ASP A 62 -5.39 -39.22 18.39
CA ASP A 62 -4.35 -39.75 17.54
C ASP A 62 -3.92 -38.60 16.62
N CYS A 63 -2.97 -37.80 17.08
CA CYS A 63 -2.52 -36.65 16.30
C CYS A 63 -2.06 -36.99 14.89
N ALA A 64 -1.24 -38.03 14.77
CA ALA A 64 -0.75 -38.44 13.45
C ALA A 64 -1.94 -38.68 12.54
N SER A 65 -3.00 -39.27 13.10
CA SER A 65 -4.20 -39.55 12.32
C SER A 65 -4.95 -38.26 12.03
N PHE A 66 -5.03 -37.38 13.02
CA PHE A 66 -5.72 -36.10 12.85
C PHE A 66 -5.07 -35.29 11.73
N ILE A 67 -3.75 -35.13 11.83
CA ILE A 67 -2.99 -34.39 10.84
C ILE A 67 -3.17 -34.96 9.44
N ARG A 68 -3.05 -36.28 9.30
CA ARG A 68 -3.20 -36.90 8.00
C ARG A 68 -4.63 -36.80 7.47
N THR A 69 -5.60 -37.07 8.34
CA THR A 69 -7.01 -37.02 7.97
C THR A 69 -7.49 -35.61 7.56
N ARG A 70 -7.12 -34.61 8.35
CA ARG A 70 -7.53 -33.24 8.08
C ARG A 70 -6.66 -32.56 7.02
N LYS A 71 -5.56 -33.21 6.66
CA LYS A 71 -4.66 -32.68 5.64
C LYS A 71 -3.94 -31.38 6.01
N TYR A 72 -3.37 -31.34 7.21
CA TYR A 72 -2.61 -30.18 7.66
C TYR A 72 -1.23 -30.26 7.02
N ILE A 73 -0.68 -29.12 6.65
CA ILE A 73 0.65 -29.07 6.06
C ILE A 73 1.65 -28.97 7.21
N VAL A 74 2.50 -29.98 7.34
CA VAL A 74 3.48 -29.99 8.43
C VAL A 74 4.92 -29.82 7.96
N GLU A 75 5.10 -29.30 6.75
CA GLU A 75 6.42 -29.06 6.20
C GLU A 75 6.38 -27.76 5.42
N PRO A 76 7.40 -26.89 5.59
CA PRO A 76 7.44 -25.61 4.88
C PRO A 76 7.39 -25.84 3.37
N LEU A 77 6.75 -24.93 2.64
CA LEU A 77 6.62 -25.08 1.19
C LEU A 77 7.75 -24.45 0.39
N THR A 78 8.36 -23.40 0.93
CA THR A 78 9.45 -22.72 0.24
C THR A 78 10.46 -22.20 1.25
N LYS A 79 11.69 -21.98 0.81
CA LYS A 79 12.73 -21.46 1.67
C LYS A 79 12.35 -20.02 2.06
N GLU A 80 11.71 -19.33 1.13
CA GLU A 80 11.28 -17.95 1.36
C GLU A 80 10.41 -17.89 2.61
N GLU A 81 9.43 -18.77 2.70
CA GLU A 81 8.52 -18.80 3.85
C GLU A 81 9.23 -19.22 5.11
N VAL A 82 10.17 -20.16 4.99
CA VAL A 82 10.92 -20.61 6.17
C VAL A 82 11.68 -19.43 6.77
N GLY A 83 12.20 -18.58 5.91
CA GLY A 83 12.95 -17.43 6.38
C GLY A 83 12.13 -16.25 6.83
N PHE A 84 10.80 -16.40 6.83
CA PHE A 84 9.92 -15.30 7.25
C PHE A 84 8.77 -15.83 8.10
N PRO A 85 9.04 -16.20 9.36
CA PRO A 85 8.02 -16.72 10.28
C PRO A 85 6.97 -15.67 10.65
N ILE A 86 5.72 -16.09 10.73
CA ILE A 86 4.60 -15.22 11.08
C ILE A 86 3.98 -15.76 12.37
N ALA A 87 3.49 -14.87 13.21
CA ALA A 87 2.82 -15.28 14.45
C ALA A 87 1.36 -14.88 14.39
N TYR A 88 0.48 -15.69 14.98
CA TYR A 88 -0.95 -15.41 15.00
C TYR A 88 -1.56 -15.48 16.39
N SER A 89 -2.50 -14.57 16.65
CA SER A 89 -3.23 -14.51 17.90
C SER A 89 -4.69 -14.73 17.47
N ILE A 90 -5.27 -15.87 17.86
CA ILE A 90 -6.62 -16.20 17.46
C ILE A 90 -7.60 -16.19 18.64
N VAL A 91 -8.52 -15.26 18.62
CA VAL A 91 -9.52 -15.13 19.69
C VAL A 91 -10.80 -15.84 19.27
N VAL A 92 -11.17 -16.87 20.04
CA VAL A 92 -12.35 -17.68 19.73
C VAL A 92 -13.17 -18.05 20.97
N HIS A 93 -14.39 -18.54 20.75
CA HIS A 93 -15.23 -18.97 21.85
C HIS A 93 -16.21 -20.09 21.48
N HIS A 94 -16.34 -20.40 20.19
CA HIS A 94 -17.24 -21.48 19.77
C HIS A 94 -17.01 -21.89 18.31
N LYS A 95 -17.85 -22.79 17.81
CA LYS A 95 -17.75 -23.30 16.44
C LYS A 95 -16.36 -23.88 16.16
N ILE A 96 -16.11 -25.04 16.74
CA ILE A 96 -14.83 -25.74 16.61
C ILE A 96 -14.45 -26.13 15.18
N GLU A 97 -15.44 -26.45 14.34
CA GLU A 97 -15.15 -26.83 12.97
C GLU A 97 -14.58 -25.65 12.19
N MET A 98 -15.12 -24.47 12.41
CA MET A 98 -14.62 -23.29 11.73
C MET A 98 -13.24 -22.93 12.24
N LEU A 99 -12.97 -23.22 13.51
CA LEU A 99 -11.66 -22.95 14.07
C LEU A 99 -10.67 -23.90 13.42
N ASP A 100 -11.14 -25.13 13.15
CA ASP A 100 -10.32 -26.15 12.53
C ASP A 100 -9.97 -25.76 11.10
N ARG A 101 -10.97 -25.34 10.33
CA ARG A 101 -10.79 -24.92 8.95
C ARG A 101 -9.87 -23.71 8.89
N LEU A 102 -10.09 -22.75 9.79
CA LEU A 102 -9.26 -21.54 9.81
C LEU A 102 -7.82 -21.89 10.11
N LEU A 103 -7.59 -22.61 11.20
CA LEU A 103 -6.21 -22.97 11.58
C LEU A 103 -5.53 -23.73 10.45
N ARG A 104 -6.20 -24.75 9.91
CA ARG A 104 -5.62 -25.54 8.83
C ARG A 104 -5.24 -24.68 7.63
N ALA A 105 -6.11 -23.72 7.30
CA ALA A 105 -5.87 -22.84 6.16
C ALA A 105 -4.66 -21.91 6.34
N ILE A 106 -4.32 -21.58 7.58
CA ILE A 106 -3.18 -20.69 7.82
C ILE A 106 -1.98 -21.40 8.45
N TYR A 107 -2.15 -22.67 8.79
CA TYR A 107 -1.06 -23.40 9.44
C TYR A 107 0.15 -23.75 8.59
N MET A 108 1.32 -23.50 9.17
CA MET A 108 2.61 -23.83 8.58
C MET A 108 3.48 -24.09 9.79
N PRO A 109 4.38 -25.10 9.71
CA PRO A 109 5.26 -25.44 10.83
C PRO A 109 6.21 -24.36 11.34
N GLN A 110 6.63 -23.46 10.46
CA GLN A 110 7.56 -22.39 10.87
C GLN A 110 6.89 -21.22 11.58
N ASN A 111 5.56 -21.12 11.48
CA ASN A 111 4.83 -20.03 12.12
C ASN A 111 4.51 -20.33 13.59
N PHE A 112 3.80 -19.41 14.24
CA PHE A 112 3.41 -19.59 15.63
C PHE A 112 1.95 -19.20 15.78
N TYR A 113 1.21 -19.97 16.56
CA TYR A 113 -0.21 -19.74 16.73
C TYR A 113 -0.66 -19.81 18.19
N CYS A 114 -1.19 -18.69 18.68
CA CYS A 114 -1.70 -18.61 20.05
C CYS A 114 -3.21 -18.50 19.96
N ILE A 115 -3.91 -19.42 20.60
CA ILE A 115 -5.36 -19.40 20.57
C ILE A 115 -5.90 -18.99 21.93
N HIS A 116 -6.70 -17.93 21.94
CA HIS A 116 -7.31 -17.45 23.17
C HIS A 116 -8.75 -17.93 23.18
N VAL A 117 -9.06 -18.85 24.09
CA VAL A 117 -10.41 -19.37 24.20
C VAL A 117 -11.07 -18.56 25.31
N ASP A 118 -12.24 -18.00 25.04
CA ASP A 118 -12.94 -17.20 26.03
C ASP A 118 -13.23 -18.07 27.25
N ARG A 119 -13.03 -17.51 28.43
CA ARG A 119 -13.27 -18.25 29.67
C ARG A 119 -14.71 -18.74 29.79
N LYS A 120 -15.63 -18.11 29.06
CA LYS A 120 -17.03 -18.50 29.11
C LYS A 120 -17.41 -19.54 28.06
N ALA A 121 -16.42 -20.07 27.34
CA ALA A 121 -16.68 -21.07 26.33
C ALA A 121 -17.01 -22.40 27.01
N GLU A 122 -17.85 -23.20 26.36
CA GLU A 122 -18.23 -24.49 26.90
C GLU A 122 -16.98 -25.30 27.21
N GLU A 123 -16.99 -26.00 28.34
CA GLU A 123 -15.85 -26.80 28.76
C GLU A 123 -15.40 -27.77 27.67
N SER A 124 -16.35 -28.26 26.88
CA SER A 124 -16.02 -29.19 25.80
C SER A 124 -15.34 -28.48 24.63
N PHE A 125 -15.70 -27.23 24.38
CA PHE A 125 -15.09 -26.49 23.29
C PHE A 125 -13.61 -26.31 23.61
N LEU A 126 -13.33 -25.84 24.82
CA LEU A 126 -11.96 -25.64 25.26
C LEU A 126 -11.15 -26.92 25.16
N ALA A 127 -11.73 -28.03 25.60
CA ALA A 127 -11.05 -29.33 25.54
C ALA A 127 -10.67 -29.63 24.09
N ALA A 128 -11.62 -29.41 23.19
CA ALA A 128 -11.41 -29.66 21.77
C ALA A 128 -10.25 -28.81 21.25
N VAL A 129 -10.26 -27.51 21.57
CA VAL A 129 -9.20 -26.61 21.13
C VAL A 129 -7.86 -27.07 21.66
N GLN A 130 -7.83 -27.47 22.93
CA GLN A 130 -6.59 -27.94 23.53
C GLN A 130 -6.14 -29.21 22.80
N GLY A 131 -7.11 -30.00 22.35
CA GLY A 131 -6.79 -31.23 21.63
C GLY A 131 -6.09 -30.93 20.31
N ILE A 132 -6.71 -30.06 19.51
CA ILE A 132 -6.14 -29.67 18.23
C ILE A 132 -4.75 -29.08 18.43
N ALA A 133 -4.61 -28.21 19.43
CA ALA A 133 -3.34 -27.57 19.72
C ALA A 133 -2.24 -28.53 20.13
N SER A 134 -2.59 -29.55 20.91
CA SER A 134 -1.61 -30.52 21.38
C SER A 134 -0.93 -31.24 20.21
N CYS A 135 -1.59 -31.24 19.06
CA CYS A 135 -1.04 -31.91 17.88
C CYS A 135 0.03 -31.13 17.14
N PHE A 136 0.26 -29.89 17.55
CA PHE A 136 1.27 -29.04 16.91
C PHE A 136 2.05 -28.28 17.98
N ASP A 137 3.37 -28.45 18.01
CA ASP A 137 4.19 -27.76 19.01
C ASP A 137 4.10 -26.23 18.92
N ASN A 138 3.88 -25.70 17.71
CA ASN A 138 3.81 -24.26 17.52
C ASN A 138 2.41 -23.68 17.62
N VAL A 139 1.46 -24.49 18.10
CA VAL A 139 0.08 -24.06 18.30
C VAL A 139 -0.25 -24.30 19.77
N PHE A 140 -0.77 -23.28 20.44
CA PHE A 140 -1.09 -23.40 21.86
C PHE A 140 -2.21 -22.47 22.31
N VAL A 141 -2.79 -22.78 23.47
CA VAL A 141 -3.84 -21.96 24.03
C VAL A 141 -3.12 -20.96 24.93
N ALA A 142 -3.53 -19.69 24.86
CA ALA A 142 -2.92 -18.63 25.65
C ALA A 142 -2.80 -19.00 27.12
N SER A 143 -1.73 -18.52 27.76
CA SER A 143 -1.45 -18.80 29.17
C SER A 143 -2.40 -18.07 30.14
N GLN A 144 -3.13 -17.10 29.62
CA GLN A 144 -4.07 -16.36 30.44
C GLN A 144 -5.33 -16.14 29.60
N LEU A 145 -6.46 -16.63 30.10
CA LEU A 145 -7.71 -16.50 29.39
C LEU A 145 -8.67 -15.52 30.04
N GLU A 146 -9.18 -14.60 29.22
CA GLU A 146 -10.12 -13.58 29.67
C GLU A 146 -11.55 -13.97 29.39
N SER A 147 -12.47 -13.31 30.09
CA SER A 147 -13.89 -13.50 29.87
C SER A 147 -14.22 -12.21 29.10
N VAL A 148 -14.21 -12.29 27.78
CA VAL A 148 -14.46 -11.12 26.95
C VAL A 148 -15.90 -10.61 26.88
N VAL A 149 -16.05 -9.32 27.15
CA VAL A 149 -17.36 -8.68 27.11
C VAL A 149 -17.32 -7.78 25.88
N TYR A 150 -18.37 -7.84 25.06
CA TYR A 150 -18.42 -7.03 23.86
C TYR A 150 -18.05 -5.56 24.12
N ALA A 151 -17.15 -5.03 23.29
CA ALA A 151 -16.71 -3.63 23.38
C ALA A 151 -15.85 -3.29 24.60
N SER A 152 -15.50 -4.27 25.42
CA SER A 152 -14.70 -3.95 26.59
C SER A 152 -13.21 -4.16 26.41
N TRP A 153 -12.46 -3.63 27.38
CA TRP A 153 -11.02 -3.76 27.37
C TRP A 153 -10.57 -5.21 27.31
N THR A 154 -11.39 -6.13 27.83
CA THR A 154 -11.01 -7.54 27.83
C THR A 154 -10.77 -8.11 26.43
N ARG A 155 -11.37 -7.49 25.41
CA ARG A 155 -11.16 -7.97 24.04
C ARG A 155 -9.72 -7.67 23.67
N VAL A 156 -9.24 -6.50 24.09
CA VAL A 156 -7.88 -6.08 23.83
C VAL A 156 -6.92 -6.92 24.66
N LYS A 157 -7.32 -7.22 25.89
CA LYS A 157 -6.50 -8.00 26.80
C LYS A 157 -6.26 -9.41 26.24
N ALA A 158 -7.27 -9.96 25.58
CA ALA A 158 -7.15 -11.30 24.98
C ALA A 158 -5.95 -11.32 24.02
N ASP A 159 -5.83 -10.27 23.20
CA ASP A 159 -4.72 -10.18 22.25
C ASP A 159 -3.41 -9.89 22.98
N LEU A 160 -3.45 -9.05 24.00
CA LEU A 160 -2.25 -8.72 24.75
C LEU A 160 -1.71 -9.99 25.42
N ASN A 161 -2.61 -10.88 25.82
CA ASN A 161 -2.22 -12.12 26.46
C ASN A 161 -1.44 -12.99 25.47
N CYS A 162 -1.93 -13.05 24.24
CA CYS A 162 -1.25 -13.83 23.21
C CYS A 162 0.05 -13.18 22.79
N MET A 163 0.07 -11.84 22.76
CA MET A 163 1.28 -11.12 22.40
C MET A 163 2.40 -11.50 23.35
N LYS A 164 2.09 -11.51 24.64
CA LYS A 164 3.09 -11.86 25.65
C LYS A 164 3.62 -13.26 25.44
N ASP A 165 2.73 -14.23 25.26
CA ASP A 165 3.16 -15.63 25.04
C ASP A 165 4.01 -15.79 23.77
N LEU A 166 3.57 -15.20 22.67
CA LEU A 166 4.27 -15.31 21.40
C LEU A 166 5.62 -14.59 21.40
N TYR A 167 5.67 -13.41 22.01
CA TYR A 167 6.90 -12.63 22.07
C TYR A 167 7.99 -13.36 22.85
N ARG A 168 7.59 -14.03 23.92
CA ARG A 168 8.53 -14.75 24.77
C ARG A 168 8.87 -16.14 24.25
N MET A 169 7.97 -16.73 23.47
CA MET A 169 8.19 -18.07 22.94
C MET A 169 9.26 -18.14 21.87
N ASN A 170 9.34 -17.12 21.03
CA ASN A 170 10.30 -17.13 19.94
C ASN A 170 10.66 -15.70 19.55
N ALA A 171 11.93 -15.46 19.28
CA ALA A 171 12.40 -14.13 18.92
C ALA A 171 12.60 -13.94 17.43
N ASN A 172 12.27 -14.96 16.65
CA ASN A 172 12.48 -14.89 15.21
C ASN A 172 11.29 -14.56 14.32
N TRP A 173 10.06 -14.62 14.83
CA TRP A 173 8.93 -14.29 13.95
C TRP A 173 8.99 -12.81 13.58
N LYS A 174 8.50 -12.48 12.38
CA LYS A 174 8.56 -11.11 11.87
C LYS A 174 7.36 -10.22 12.17
N TYR A 175 6.17 -10.75 11.96
CA TYR A 175 4.94 -10.00 12.18
C TYR A 175 3.92 -10.84 12.94
N LEU A 176 3.00 -10.14 13.60
CA LEU A 176 1.92 -10.76 14.33
C LEU A 176 0.62 -10.31 13.66
N ILE A 177 -0.27 -11.25 13.40
CA ILE A 177 -1.57 -10.97 12.78
C ILE A 177 -2.62 -11.53 13.71
N ASN A 178 -3.54 -10.70 14.19
CA ASN A 178 -4.57 -11.21 15.10
C ASN A 178 -5.85 -11.53 14.33
N LEU A 179 -6.52 -12.60 14.76
CA LEU A 179 -7.74 -13.06 14.11
C LEU A 179 -8.81 -13.45 15.12
N CYS A 180 -10.02 -13.67 14.61
CA CYS A 180 -11.15 -14.12 15.42
C CYS A 180 -11.64 -15.39 14.72
N GLY A 181 -12.57 -16.11 15.34
CA GLY A 181 -13.05 -17.35 14.77
C GLY A 181 -13.81 -17.26 13.45
N MET A 182 -14.31 -16.08 13.11
CA MET A 182 -15.08 -15.90 11.89
C MET A 182 -14.25 -15.39 10.70
N ASP A 183 -12.94 -15.30 10.87
CA ASP A 183 -12.06 -14.84 9.79
C ASP A 183 -11.65 -16.00 8.89
N PHE A 184 -11.11 -15.64 7.75
CA PHE A 184 -10.58 -16.64 6.83
C PHE A 184 -9.62 -15.91 5.91
N PRO A 185 -8.49 -16.55 5.57
CA PRO A 185 -7.53 -15.90 4.68
C PRO A 185 -8.01 -15.85 3.23
N ILE A 186 -7.50 -14.89 2.48
CA ILE A 186 -7.83 -14.83 1.08
C ILE A 186 -6.52 -14.81 0.31
N LYS A 187 -5.44 -15.06 1.06
CA LYS A 187 -4.08 -15.11 0.53
C LYS A 187 -3.38 -16.33 1.11
N THR A 188 -2.45 -16.91 0.36
CA THR A 188 -1.70 -18.08 0.82
C THR A 188 -0.61 -17.57 1.75
N ASN A 189 0.03 -18.48 2.49
CA ASN A 189 1.08 -18.07 3.41
C ASN A 189 2.21 -17.36 2.65
N LEU A 190 2.54 -17.85 1.47
CA LEU A 190 3.59 -17.23 0.65
C LEU A 190 3.17 -15.82 0.24
N GLU A 191 1.91 -15.65 -0.15
CA GLU A 191 1.42 -14.34 -0.55
C GLU A 191 1.46 -13.39 0.64
N ILE A 192 1.11 -13.90 1.82
CA ILE A 192 1.13 -13.10 3.03
C ILE A 192 2.55 -12.66 3.34
N VAL A 193 3.48 -13.62 3.29
CA VAL A 193 4.90 -13.32 3.54
C VAL A 193 5.37 -12.21 2.59
N ARG A 194 4.99 -12.29 1.33
CA ARG A 194 5.42 -11.28 0.37
C ARG A 194 4.88 -9.88 0.65
N LYS A 195 3.61 -9.78 1.05
CA LYS A 195 3.05 -8.46 1.35
C LYS A 195 3.71 -7.89 2.61
N LEU A 196 4.07 -8.76 3.54
CA LEU A 196 4.72 -8.32 4.78
C LEU A 196 6.12 -7.80 4.47
N LYS A 197 6.81 -8.48 3.55
CA LYS A 197 8.15 -8.06 3.16
C LYS A 197 8.02 -6.70 2.48
N CYS A 198 6.94 -6.55 1.72
CA CYS A 198 6.67 -5.30 1.01
C CYS A 198 6.40 -4.14 1.96
N SER A 199 6.06 -4.45 3.21
CA SER A 199 5.77 -3.41 4.21
C SER A 199 7.06 -2.79 4.77
N THR A 200 8.19 -3.42 4.44
CA THR A 200 9.50 -2.93 4.86
C THR A 200 9.60 -2.54 6.33
N GLY A 201 9.23 -3.44 7.23
CA GLY A 201 9.34 -3.14 8.66
C GLY A 201 8.29 -2.20 9.24
N GLU A 202 7.32 -1.81 8.44
CA GLU A 202 6.26 -0.94 8.94
C GLU A 202 5.05 -1.80 9.29
N ASN A 203 4.23 -1.31 10.21
CA ASN A 203 3.02 -2.02 10.59
C ASN A 203 1.96 -1.63 9.59
N ASN A 204 0.85 -2.38 9.58
CA ASN A 204 -0.22 -2.07 8.64
C ASN A 204 -1.56 -2.34 9.32
N LEU A 205 -2.31 -1.28 9.54
CA LEU A 205 -3.61 -1.39 10.18
C LEU A 205 -4.35 -0.08 9.94
N GLU A 206 -5.68 -0.14 10.06
CA GLU A 206 -6.51 1.04 9.88
C GLU A 206 -6.15 2.06 10.94
N THR A 207 -6.01 3.32 10.52
CA THR A 207 -5.70 4.37 11.46
C THR A 207 -6.03 5.70 10.79
N GLU A 208 -7.12 6.32 11.23
CA GLU A 208 -7.57 7.59 10.66
C GLU A 208 -7.95 8.60 11.72
N LYS A 209 -8.07 9.85 11.28
CA LYS A 209 -8.47 10.94 12.17
C LYS A 209 -9.75 10.52 12.90
N MET A 210 -9.77 10.74 14.21
CA MET A 210 -10.92 10.37 15.03
C MET A 210 -12.20 11.12 14.63
N PRO A 211 -13.25 10.38 14.23
CA PRO A 211 -14.52 10.99 13.84
C PRO A 211 -15.20 11.57 15.09
N PRO A 212 -15.92 12.69 14.93
CA PRO A 212 -16.61 13.34 16.05
C PRO A 212 -17.64 12.44 16.74
N ASN A 213 -18.23 11.54 15.96
CA ASN A 213 -19.24 10.62 16.47
C ASN A 213 -18.69 9.40 17.21
N LYS A 214 -17.41 9.39 17.50
CA LYS A 214 -16.82 8.26 18.20
C LYS A 214 -16.02 8.70 19.42
N GLU A 215 -16.20 9.96 19.82
CA GLU A 215 -15.49 10.52 20.95
C GLU A 215 -16.10 10.20 22.32
N GLU A 216 -17.41 9.98 22.34
CA GLU A 216 -18.10 9.68 23.59
C GLU A 216 -17.60 8.36 24.19
N ARG A 217 -16.93 7.56 23.36
CA ARG A 217 -16.41 6.27 23.78
C ARG A 217 -15.22 6.34 24.75
N TRP A 218 -14.46 7.43 24.70
CA TRP A 218 -13.31 7.56 25.59
C TRP A 218 -13.37 8.79 26.49
N LYS A 219 -14.41 9.60 26.30
CA LYS A 219 -14.59 10.81 27.09
C LYS A 219 -15.25 10.46 28.42
N LYS A 220 -15.89 9.30 28.48
CA LYS A 220 -16.60 8.85 29.68
C LYS A 220 -16.13 7.47 30.13
N ARG A 221 -16.30 7.20 31.43
CA ARG A 221 -15.94 5.90 31.97
C ARG A 221 -17.10 4.95 31.69
N TYR A 222 -16.79 3.71 31.36
CA TYR A 222 -17.81 2.71 31.08
C TYR A 222 -17.67 1.55 32.06
N ALA A 223 -18.79 0.95 32.42
CA ALA A 223 -18.77 -0.19 33.34
C ALA A 223 -19.78 -1.22 32.84
N VAL A 224 -19.51 -2.48 33.09
CA VAL A 224 -20.43 -3.53 32.66
C VAL A 224 -21.66 -3.50 33.57
N VAL A 225 -22.82 -3.28 32.97
CA VAL A 225 -24.08 -3.23 33.69
C VAL A 225 -25.00 -4.21 32.99
N ASP A 226 -25.52 -5.18 33.72
CA ASP A 226 -26.39 -6.20 33.16
C ASP A 226 -25.76 -6.86 31.94
N GLY A 227 -24.46 -7.16 32.02
CA GLY A 227 -23.81 -7.83 30.91
C GLY A 227 -23.39 -6.96 29.74
N LYS A 228 -23.64 -5.66 29.80
CA LYS A 228 -23.22 -4.79 28.70
C LYS A 228 -22.47 -3.56 29.18
N LEU A 229 -21.42 -3.20 28.44
CA LEU A 229 -20.60 -2.05 28.76
C LEU A 229 -21.48 -0.82 28.60
N THR A 230 -21.58 -0.01 29.64
CA THR A 230 -22.44 1.17 29.59
C THR A 230 -21.80 2.43 30.16
N ASN A 231 -22.18 3.58 29.60
CA ASN A 231 -21.68 4.87 30.03
C ASN A 231 -22.06 5.11 31.49
N THR A 232 -21.08 5.41 32.34
CA THR A 232 -21.34 5.67 33.75
C THR A 232 -21.67 7.15 33.98
N GLY A 233 -21.41 7.97 32.97
CA GLY A 233 -21.67 9.39 33.09
C GLY A 233 -20.47 10.11 33.68
N ILE A 234 -19.53 9.35 34.22
CA ILE A 234 -18.31 9.92 34.81
C ILE A 234 -17.35 10.34 33.71
N VAL A 235 -16.89 11.59 33.76
CA VAL A 235 -15.96 12.11 32.76
C VAL A 235 -14.54 11.72 33.15
N LYS A 236 -13.78 11.18 32.21
CA LYS A 236 -12.41 10.79 32.52
C LYS A 236 -11.41 11.85 32.05
N ALA A 237 -10.20 11.78 32.60
CA ALA A 237 -9.16 12.73 32.24
C ALA A 237 -8.73 12.52 30.80
N PRO A 238 -7.96 13.47 30.24
CA PRO A 238 -7.51 13.34 28.85
C PRO A 238 -6.51 12.19 28.76
N PRO A 239 -6.37 11.60 27.56
CA PRO A 239 -5.44 10.49 27.34
C PRO A 239 -4.01 10.92 27.69
N PRO A 240 -3.19 9.99 28.19
CA PRO A 240 -1.79 10.29 28.55
C PRO A 240 -0.92 10.26 27.28
N LEU A 241 -1.25 11.12 26.32
CA LEU A 241 -0.53 11.17 25.05
C LEU A 241 -0.35 12.58 24.52
N LYS A 242 0.71 12.79 23.76
CA LYS A 242 0.96 14.09 23.13
C LYS A 242 0.24 14.08 21.79
N THR A 243 0.27 12.93 21.13
CA THR A 243 -0.39 12.80 19.83
C THR A 243 -1.88 12.50 20.01
N PRO A 244 -2.68 12.77 18.97
CA PRO A 244 -4.13 12.53 19.05
C PRO A 244 -4.49 11.05 19.07
N LEU A 245 -5.75 10.77 19.37
CA LEU A 245 -6.26 9.41 19.36
C LEU A 245 -6.73 9.20 17.93
N PHE A 246 -6.49 8.02 17.38
CA PHE A 246 -6.90 7.70 16.02
C PHE A 246 -7.96 6.62 16.02
N SER A 247 -8.75 6.58 14.95
CA SER A 247 -9.82 5.60 14.82
C SER A 247 -9.39 4.43 13.95
N GLY A 248 -9.79 3.22 14.33
CA GLY A 248 -9.42 2.06 13.56
C GLY A 248 -10.21 0.80 13.85
N SER A 249 -9.53 -0.35 13.74
CA SER A 249 -10.14 -1.66 13.94
C SER A 249 -9.41 -2.48 15.00
N ALA A 250 -10.05 -3.54 15.45
CA ALA A 250 -9.46 -4.43 16.44
C ALA A 250 -8.38 -5.27 15.78
N TYR A 251 -8.40 -5.32 14.45
CA TYR A 251 -7.46 -6.16 13.72
C TYR A 251 -6.28 -5.42 13.11
N PHE A 252 -5.10 -6.01 13.29
CA PHE A 252 -3.86 -5.39 12.83
C PHE A 252 -2.84 -6.38 12.28
N VAL A 253 -1.76 -5.81 11.77
CA VAL A 253 -0.62 -6.55 11.23
C VAL A 253 0.56 -5.73 11.76
N VAL A 254 1.24 -6.25 12.78
CA VAL A 254 2.34 -5.51 13.40
C VAL A 254 3.64 -6.30 13.52
N THR A 255 4.76 -5.59 13.47
CA THR A 255 6.07 -6.23 13.58
C THR A 255 6.30 -6.74 14.99
N ARG A 256 7.26 -7.65 15.15
CA ARG A 256 7.56 -8.18 16.47
C ARG A 256 8.08 -7.04 17.33
N GLU A 257 8.79 -6.09 16.69
CA GLU A 257 9.33 -4.94 17.40
C GLU A 257 8.24 -4.09 18.03
N TYR A 258 7.12 -3.95 17.32
CA TYR A 258 5.97 -3.19 17.80
C TYR A 258 5.41 -3.87 19.04
N VAL A 259 5.27 -5.20 18.94
CA VAL A 259 4.74 -5.98 20.05
C VAL A 259 5.63 -5.84 21.29
N GLY A 260 6.94 -5.95 21.10
CA GLY A 260 7.85 -5.81 22.22
C GLY A 260 7.76 -4.44 22.88
N TYR A 261 7.59 -3.41 22.06
CA TYR A 261 7.47 -2.04 22.54
C TYR A 261 6.17 -1.85 23.31
N VAL A 262 5.09 -2.44 22.79
CA VAL A 262 3.78 -2.35 23.44
C VAL A 262 3.78 -3.05 24.79
N LEU A 263 4.50 -4.15 24.88
CA LEU A 263 4.56 -4.92 26.12
C LEU A 263 5.49 -4.31 27.16
N GLU A 264 6.47 -3.53 26.70
CA GLU A 264 7.48 -2.95 27.59
C GLU A 264 7.43 -1.46 27.91
N ASN A 265 7.25 -0.62 26.89
CA ASN A 265 7.23 0.83 27.07
C ASN A 265 6.27 1.36 28.14
N GLU A 266 6.81 2.19 29.04
CA GLU A 266 6.05 2.78 30.13
C GLU A 266 4.88 3.65 29.69
N ASN A 267 5.12 4.57 28.76
CA ASN A 267 4.07 5.45 28.28
C ASN A 267 2.91 4.68 27.65
N ILE A 268 3.24 3.64 26.89
CA ILE A 268 2.18 2.83 26.27
C ILE A 268 1.39 2.20 27.40
N GLN A 269 2.09 1.74 28.42
CA GLN A 269 1.48 1.12 29.57
C GLN A 269 0.47 2.09 30.18
N LYS A 270 0.87 3.34 30.29
CA LYS A 270 0.01 4.39 30.84
C LYS A 270 -1.22 4.56 29.95
N LEU A 271 -1.00 4.52 28.64
CA LEU A 271 -2.11 4.69 27.71
C LEU A 271 -3.11 3.57 27.90
N MET A 272 -2.61 2.33 27.95
CA MET A 272 -3.50 1.19 28.10
C MET A 272 -4.29 1.20 29.40
N GLU A 273 -3.66 1.53 30.51
CA GLU A 273 -4.41 1.55 31.77
C GLU A 273 -5.51 2.60 31.66
N TRP A 274 -5.21 3.71 31.00
CA TRP A 274 -6.20 4.78 30.82
C TRP A 274 -7.39 4.29 29.99
N ALA A 275 -7.10 3.50 28.95
CA ALA A 275 -8.14 3.00 28.05
C ALA A 275 -8.99 1.87 28.61
N GLN A 276 -8.58 1.31 29.75
CA GLN A 276 -9.30 0.20 30.35
C GLN A 276 -10.80 0.38 30.55
N ASP A 277 -11.25 1.59 30.83
CA ASP A 277 -12.68 1.78 31.03
C ASP A 277 -13.39 2.59 29.95
N THR A 278 -12.90 2.46 28.71
CA THR A 278 -13.50 3.16 27.58
C THR A 278 -14.34 2.16 26.81
N TYR A 279 -15.13 2.66 25.87
CA TYR A 279 -15.98 1.80 25.05
C TYR A 279 -15.24 1.44 23.76
N SER A 280 -15.16 0.15 23.46
CA SER A 280 -14.46 -0.33 22.28
C SER A 280 -13.03 0.19 22.14
N PRO A 281 -12.20 0.01 23.19
CA PRO A 281 -10.82 0.48 23.13
C PRO A 281 -10.05 -0.19 21.99
N ASP A 282 -10.51 -1.38 21.59
CA ASP A 282 -9.86 -2.08 20.49
C ASP A 282 -9.93 -1.26 19.20
N GLU A 283 -10.90 -0.35 19.10
CA GLU A 283 -11.05 0.46 17.91
C GLU A 283 -10.33 1.82 17.91
N PHE A 284 -9.41 2.01 18.85
CA PHE A 284 -8.63 3.25 18.85
C PHE A 284 -7.24 3.05 19.41
N LEU A 285 -7.07 2.04 20.26
CA LEU A 285 -5.77 1.80 20.87
C LEU A 285 -4.65 1.53 19.86
N TRP A 286 -4.83 0.49 19.05
CA TRP A 286 -3.82 0.11 18.06
C TRP A 286 -3.62 1.23 17.04
N ALA A 287 -4.71 1.80 16.57
CA ALA A 287 -4.67 2.89 15.59
C ALA A 287 -3.88 4.07 16.13
N THR A 288 -4.03 4.32 17.43
CA THR A 288 -3.36 5.44 18.08
C THR A 288 -1.89 5.19 18.32
N ILE A 289 -1.58 3.98 18.80
CA ILE A 289 -0.20 3.60 19.08
C ILE A 289 0.60 3.62 17.78
N GLN A 290 -0.07 3.29 16.67
CA GLN A 290 0.56 3.27 15.36
C GLN A 290 1.03 4.66 14.91
N ARG A 291 0.60 5.71 15.60
CA ARG A 291 0.97 7.07 15.22
C ARG A 291 1.81 7.80 16.27
N ILE A 292 2.29 7.06 17.28
CA ILE A 292 3.12 7.64 18.32
C ILE A 292 4.58 7.60 17.85
N PRO A 293 5.26 8.76 17.90
CA PRO A 293 6.66 8.78 17.47
C PRO A 293 7.47 7.79 18.29
N GLU A 294 8.43 7.14 17.66
CA GLU A 294 9.30 6.17 18.34
C GLU A 294 8.72 4.77 18.43
N VAL A 295 7.42 4.60 18.17
CA VAL A 295 6.86 3.26 18.20
C VAL A 295 7.38 2.60 16.93
N PRO A 296 7.99 1.41 17.04
CA PRO A 296 8.52 0.72 15.85
C PRO A 296 7.47 0.48 14.77
N GLY A 297 7.78 0.89 13.54
CA GLY A 297 6.87 0.69 12.42
C GLY A 297 5.69 1.64 12.32
N SER A 298 5.73 2.71 13.10
CA SER A 298 4.65 3.70 13.12
C SER A 298 4.72 4.69 11.95
N PHE A 299 3.64 5.45 11.79
CA PHE A 299 3.55 6.49 10.75
C PHE A 299 3.43 7.81 11.50
N PRO A 300 3.86 8.91 10.87
CA PRO A 300 3.75 10.23 11.52
C PRO A 300 2.25 10.47 11.75
N SER A 301 1.91 11.32 12.72
CA SER A 301 0.52 11.61 13.05
C SER A 301 -0.21 12.45 12.01
N SER A 302 0.54 13.09 11.11
CA SER A 302 -0.08 13.88 10.05
C SER A 302 -1.14 13.02 9.37
N ASN A 303 -2.33 13.57 9.12
CA ASN A 303 -3.40 12.81 8.49
C ASN A 303 -3.11 12.39 7.05
N LYS A 304 -2.01 12.86 6.49
CA LYS A 304 -1.63 12.44 5.14
C LYS A 304 -1.24 10.97 5.17
N TYR A 305 -0.97 10.44 6.36
CA TYR A 305 -0.58 9.04 6.49
C TYR A 305 -1.71 8.11 6.93
N ASP A 306 -2.90 8.66 7.12
CA ASP A 306 -4.05 7.85 7.53
C ASP A 306 -4.29 6.70 6.57
N LEU A 307 -4.77 5.59 7.12
CA LEU A 307 -5.08 4.40 6.34
C LEU A 307 -6.51 3.98 6.66
N SER A 308 -7.35 3.91 5.64
CA SER A 308 -8.72 3.49 5.82
C SER A 308 -8.73 1.97 5.90
N ASP A 309 -9.90 1.38 6.14
CA ASP A 309 -9.98 -0.08 6.21
C ASP A 309 -9.69 -0.69 4.85
N MET A 310 -10.05 0.01 3.79
CA MET A 310 -9.80 -0.48 2.44
C MET A 310 -8.34 -0.31 2.01
N ASN A 311 -7.68 0.76 2.44
CA ASN A 311 -6.28 0.95 2.06
C ASN A 311 -5.30 0.14 2.91
N ALA A 312 -5.70 -0.20 4.14
CA ALA A 312 -4.86 -1.03 5.01
C ALA A 312 -5.05 -2.45 4.47
N ILE A 313 -4.17 -3.39 4.82
CA ILE A 313 -4.31 -4.74 4.29
C ILE A 313 -4.78 -5.77 5.32
N ALA A 314 -5.05 -5.30 6.53
CA ALA A 314 -5.45 -6.20 7.61
C ALA A 314 -6.73 -7.01 7.37
N ARG A 315 -7.84 -6.33 7.09
CA ARG A 315 -9.08 -7.09 6.92
C ARG A 315 -10.11 -6.51 5.97
N PHE A 316 -10.57 -7.34 5.04
CA PHE A 316 -11.61 -6.93 4.12
C PHE A 316 -12.93 -7.24 4.79
N VAL A 317 -13.74 -6.21 5.00
CA VAL A 317 -15.03 -6.35 5.65
C VAL A 317 -16.06 -5.53 4.87
N LYS A 318 -17.22 -6.11 4.63
CA LYS A 318 -18.28 -5.39 3.92
C LYS A 318 -19.32 -4.89 4.91
N TRP A 319 -19.50 -3.58 4.96
CA TRP A 319 -20.50 -3.01 5.85
C TRP A 319 -21.77 -2.73 5.07
N GLN A 320 -22.88 -3.24 5.59
CA GLN A 320 -24.19 -3.09 4.95
C GLN A 320 -24.48 -1.69 4.43
N TYR A 321 -24.19 -0.67 5.23
CA TYR A 321 -24.47 0.69 4.81
C TYR A 321 -23.54 1.30 3.75
N PHE A 322 -22.50 0.58 3.37
CA PHE A 322 -21.58 1.08 2.34
C PHE A 322 -21.73 0.30 1.05
N GLU A 323 -22.26 -0.92 1.14
CA GLU A 323 -22.44 -1.77 -0.03
C GLU A 323 -23.26 -1.09 -1.11
N GLY A 324 -22.93 -1.38 -2.36
CA GLY A 324 -23.67 -0.78 -3.46
C GLY A 324 -23.03 -0.95 -4.81
N ASP A 325 -23.37 -0.04 -5.72
CA ASP A 325 -22.86 -0.05 -7.08
C ASP A 325 -21.44 0.50 -7.05
N VAL A 326 -20.45 -0.39 -7.12
CA VAL A 326 -19.06 0.01 -7.10
C VAL A 326 -18.78 1.03 -8.19
N SER A 327 -19.29 0.75 -9.38
CA SER A 327 -19.10 1.64 -10.52
C SER A 327 -19.85 2.95 -10.33
N ASN A 328 -20.29 3.23 -9.11
CA ASN A 328 -21.02 4.46 -8.85
C ASN A 328 -20.71 5.09 -7.49
N GLY A 329 -19.59 4.71 -6.89
CA GLY A 329 -19.24 5.30 -5.60
C GLY A 329 -19.14 4.38 -4.40
N ALA A 330 -19.73 3.19 -4.50
CA ALA A 330 -19.67 2.24 -3.38
C ALA A 330 -18.31 1.58 -3.35
N PRO A 331 -17.74 1.37 -2.16
CA PRO A 331 -16.42 0.73 -2.06
C PRO A 331 -16.40 -0.76 -2.40
N TYR A 332 -17.60 -1.37 -2.45
CA TYR A 332 -17.72 -2.78 -2.78
C TYR A 332 -19.17 -3.15 -3.08
N PRO A 333 -19.39 -4.26 -3.80
CA PRO A 333 -20.72 -4.77 -4.18
C PRO A 333 -21.56 -5.28 -3.02
N PRO A 334 -22.87 -5.44 -3.24
CA PRO A 334 -23.79 -5.93 -2.20
C PRO A 334 -23.39 -7.32 -1.71
N CYS A 335 -23.77 -7.60 -0.47
CA CYS A 335 -23.49 -8.88 0.16
C CYS A 335 -24.33 -9.99 -0.47
N SER A 336 -23.69 -11.08 -0.89
CA SER A 336 -24.40 -12.20 -1.48
C SER A 336 -24.84 -13.17 -0.39
N GLY A 337 -24.38 -12.92 0.83
CA GLY A 337 -24.72 -13.76 1.95
C GLY A 337 -25.80 -13.11 2.79
N VAL A 338 -25.54 -12.96 4.09
CA VAL A 338 -26.50 -12.34 4.99
C VAL A 338 -25.80 -11.35 5.89
N HIS A 339 -26.53 -10.33 6.33
CA HIS A 339 -25.96 -9.33 7.23
C HIS A 339 -26.27 -9.64 8.68
N VAL A 340 -25.28 -9.43 9.54
CA VAL A 340 -25.43 -9.64 10.97
C VAL A 340 -24.78 -8.42 11.62
N ARG A 341 -25.58 -7.63 12.33
CA ARG A 341 -25.07 -6.43 12.97
C ARG A 341 -24.38 -5.54 11.93
N SER A 342 -25.00 -5.41 10.76
CA SER A 342 -24.50 -4.60 9.66
C SER A 342 -23.28 -5.14 8.93
N VAL A 343 -22.74 -6.26 9.40
CA VAL A 343 -21.57 -6.86 8.76
C VAL A 343 -22.00 -8.00 7.85
N CYS A 344 -21.40 -8.07 6.67
CA CYS A 344 -21.72 -9.11 5.71
C CYS A 344 -21.07 -10.45 6.00
N VAL A 345 -21.89 -11.49 6.09
CA VAL A 345 -21.41 -12.85 6.29
C VAL A 345 -21.43 -13.38 4.87
N PHE A 346 -20.25 -13.46 4.28
CA PHE A 346 -20.07 -13.88 2.90
C PHE A 346 -20.78 -15.13 2.39
N GLY A 347 -21.19 -15.03 1.13
CA GLY A 347 -21.84 -16.13 0.46
C GLY A 347 -20.90 -16.46 -0.69
N ALA A 348 -21.13 -17.56 -1.38
CA ALA A 348 -20.25 -17.93 -2.48
C ALA A 348 -20.17 -16.83 -3.53
N GLY A 349 -21.24 -16.05 -3.65
CA GLY A 349 -21.28 -14.98 -4.64
C GLY A 349 -20.35 -13.81 -4.35
N ASP A 350 -19.91 -13.69 -3.10
CA ASP A 350 -19.01 -12.59 -2.70
C ASP A 350 -17.54 -12.88 -3.00
N LEU A 351 -17.21 -14.15 -3.22
CA LEU A 351 -15.82 -14.56 -3.44
C LEU A 351 -15.05 -13.98 -4.61
N SER A 352 -15.64 -14.02 -5.80
CA SER A 352 -14.97 -13.52 -6.99
C SER A 352 -14.35 -12.13 -6.79
N TRP A 353 -15.18 -11.17 -6.42
CA TRP A 353 -14.72 -9.80 -6.23
C TRP A 353 -13.73 -9.68 -5.06
N MET A 354 -14.03 -10.41 -3.98
CA MET A 354 -13.21 -10.41 -2.77
C MET A 354 -11.76 -10.81 -3.03
N LEU A 355 -11.57 -11.90 -3.77
CA LEU A 355 -10.23 -12.39 -4.08
C LEU A 355 -9.35 -11.40 -4.83
N ARG A 356 -9.96 -10.39 -5.45
CA ARG A 356 -9.20 -9.41 -6.18
C ARG A 356 -8.69 -8.28 -5.27
N GLN A 357 -9.11 -8.27 -4.01
CA GLN A 357 -8.67 -7.22 -3.10
C GLN A 357 -7.29 -7.56 -2.54
N HIS A 358 -6.61 -6.58 -1.94
CA HIS A 358 -5.26 -6.83 -1.45
C HIS A 358 -5.14 -7.29 0.02
N HIS A 359 -6.24 -7.35 0.73
CA HIS A 359 -6.20 -7.74 2.14
C HIS A 359 -5.73 -9.17 2.38
N LEU A 360 -5.19 -9.40 3.58
CA LEU A 360 -4.69 -10.71 3.94
C LEU A 360 -5.83 -11.65 4.33
N PHE A 361 -6.79 -11.10 5.10
CA PHE A 361 -7.95 -11.85 5.58
C PHE A 361 -9.25 -11.10 5.35
N ALA A 362 -10.36 -11.83 5.43
CA ALA A 362 -11.69 -11.27 5.28
C ALA A 362 -12.55 -11.75 6.43
N ASN A 363 -13.60 -10.98 6.73
CA ASN A 363 -14.53 -11.27 7.82
C ASN A 363 -15.88 -10.70 7.35
N LYS A 364 -17.02 -11.35 7.61
CA LYS A 364 -17.13 -12.62 8.35
C LYS A 364 -17.54 -13.82 7.48
N PHE A 365 -17.23 -15.00 7.98
CA PHE A 365 -17.58 -16.26 7.32
C PHE A 365 -18.33 -17.11 8.34
N ASP A 366 -19.18 -18.01 7.87
CA ASP A 366 -19.96 -18.86 8.77
C ASP A 366 -20.50 -20.06 8.00
N MET A 367 -20.13 -21.26 8.43
CA MET A 367 -20.59 -22.46 7.75
C MET A 367 -22.05 -22.76 7.97
N ASP A 368 -22.72 -21.92 8.75
CA ASP A 368 -24.15 -22.08 9.00
C ASP A 368 -24.90 -21.16 8.05
N VAL A 369 -24.16 -20.28 7.39
CA VAL A 369 -24.73 -19.35 6.43
C VAL A 369 -24.43 -19.83 5.01
N ASP A 370 -23.16 -20.08 4.74
CA ASP A 370 -22.73 -20.55 3.42
C ASP A 370 -21.39 -21.27 3.52
N PRO A 371 -21.42 -22.60 3.67
CA PRO A 371 -20.21 -23.42 3.79
C PRO A 371 -19.39 -23.45 2.51
N PHE A 372 -20.04 -23.17 1.38
CA PHE A 372 -19.38 -23.16 0.08
C PHE A 372 -18.47 -21.96 -0.10
N ALA A 373 -18.78 -20.86 0.58
CA ALA A 373 -17.94 -19.68 0.51
C ALA A 373 -16.57 -20.06 1.06
N ILE A 374 -16.59 -20.77 2.18
CA ILE A 374 -15.37 -21.21 2.84
C ILE A 374 -14.67 -22.32 2.05
N GLN A 375 -15.45 -23.30 1.60
CA GLN A 375 -14.91 -24.42 0.85
C GLN A 375 -14.18 -24.02 -0.44
N CYS A 376 -14.82 -23.19 -1.26
CA CYS A 376 -14.20 -22.75 -2.50
C CYS A 376 -12.94 -21.94 -2.26
N LEU A 377 -12.98 -21.08 -1.26
CA LEU A 377 -11.82 -20.27 -0.93
C LEU A 377 -10.72 -21.20 -0.44
N ASP A 378 -11.10 -22.11 0.46
CA ASP A 378 -10.20 -23.09 1.06
C ASP A 378 -9.48 -23.93 0.01
N GLU A 379 -10.22 -24.49 -0.95
CA GLU A 379 -9.64 -25.32 -2.00
C GLU A 379 -8.69 -24.51 -2.87
N HIS A 380 -9.15 -23.33 -3.24
CA HIS A 380 -8.37 -22.43 -4.09
C HIS A 380 -7.02 -22.08 -3.48
N LEU A 381 -7.02 -21.69 -2.21
CA LEU A 381 -5.77 -21.33 -1.55
C LEU A 381 -4.82 -22.53 -1.40
N ARG A 382 -5.39 -23.69 -1.05
CA ARG A 382 -4.58 -24.90 -0.89
C ARG A 382 -3.93 -25.24 -2.23
N ARG A 383 -4.73 -25.28 -3.29
CA ARG A 383 -4.22 -25.58 -4.63
C ARG A 383 -3.17 -24.56 -5.05
N LYS A 384 -3.46 -23.29 -4.81
CA LYS A 384 -2.55 -22.21 -5.16
C LYS A 384 -1.22 -22.37 -4.44
N ALA A 385 -1.27 -22.76 -3.17
CA ALA A 385 -0.06 -22.95 -2.37
C ALA A 385 0.77 -24.15 -2.78
N LEU A 386 0.11 -25.24 -3.16
CA LEU A 386 0.79 -26.46 -3.58
C LEU A 386 1.46 -26.36 -4.96
N GLU A 387 0.99 -25.42 -5.77
CA GLU A 387 1.55 -25.23 -7.11
C GLU A 387 3.06 -25.08 -7.07
N ARG B 7 35.28 -1.19 -7.82
CA ARG B 7 34.80 0.18 -7.54
C ARG B 7 34.95 1.09 -8.76
N HIS B 8 35.30 0.52 -9.90
CA HIS B 8 35.49 1.31 -11.11
C HIS B 8 34.22 1.99 -11.62
N LEU B 9 33.06 1.54 -11.14
CA LEU B 9 31.79 2.14 -11.57
C LEU B 9 31.24 3.13 -10.55
N GLU B 10 31.92 3.26 -9.41
CA GLU B 10 31.48 4.19 -8.38
C GLU B 10 31.63 5.61 -8.91
N LEU B 11 30.78 6.51 -8.42
CA LEU B 11 30.79 7.89 -8.86
C LEU B 11 31.55 8.81 -7.89
N ASN B 19 34.79 18.21 -1.07
CA ASN B 19 35.54 17.54 -0.02
C ASN B 19 34.68 17.31 1.22
N VAL B 20 33.39 17.07 1.00
CA VAL B 20 32.45 16.82 2.09
C VAL B 20 32.22 15.32 2.27
N ASN B 21 32.12 14.90 3.52
CA ASN B 21 31.89 13.49 3.84
C ASN B 21 30.42 13.14 3.63
N CYS B 22 30.13 12.45 2.54
CA CYS B 22 28.77 12.05 2.20
C CYS B 22 28.10 11.15 3.24
N THR B 23 28.84 10.17 3.76
CA THR B 23 28.28 9.25 4.73
C THR B 23 27.72 10.03 5.93
N LYS B 24 28.44 11.06 6.36
CA LYS B 24 27.98 11.87 7.49
C LYS B 24 26.71 12.62 7.07
N ILE B 25 26.69 13.07 5.83
CA ILE B 25 25.54 13.79 5.29
C ILE B 25 24.32 12.87 5.24
N LEU B 26 24.54 11.65 4.76
CA LEU B 26 23.47 10.67 4.65
C LEU B 26 22.98 10.21 6.02
N GLN B 27 23.85 10.32 7.03
CA GLN B 27 23.48 9.94 8.38
C GLN B 27 22.81 11.10 9.12
N GLY B 28 22.74 12.24 8.45
CA GLY B 28 22.12 13.42 9.05
C GLY B 28 22.97 14.09 10.11
N ASP B 29 24.28 13.91 10.00
CA ASP B 29 25.23 14.50 10.93
C ASP B 29 25.13 16.03 10.90
N PRO B 30 24.62 16.63 11.99
CA PRO B 30 24.46 18.09 12.07
C PRO B 30 25.75 18.85 11.74
N GLU B 31 26.88 18.28 12.13
CA GLU B 31 28.18 18.91 11.90
C GLU B 31 28.44 19.16 10.42
N GLU B 32 28.26 18.12 9.61
CA GLU B 32 28.49 18.25 8.16
C GLU B 32 27.40 19.08 7.48
N ILE B 33 26.17 18.94 7.96
CA ILE B 33 25.05 19.69 7.39
C ILE B 33 25.42 21.17 7.34
N GLN B 34 25.89 21.71 8.46
CA GLN B 34 26.29 23.11 8.52
C GLN B 34 27.50 23.32 7.61
N LYS B 35 28.48 22.44 7.73
CA LYS B 35 29.70 22.52 6.93
C LYS B 35 29.40 22.70 5.45
N VAL B 36 28.35 22.04 4.97
CA VAL B 36 27.97 22.13 3.57
C VAL B 36 27.14 23.37 3.26
N LYS B 37 26.20 23.68 4.15
CA LYS B 37 25.33 24.84 3.96
C LYS B 37 25.95 26.10 4.56
N ARG B 48 32.08 28.94 -12.03
CA ARG B 48 32.35 27.55 -11.67
C ARG B 48 32.22 26.64 -12.90
N PRO B 49 33.17 25.70 -13.05
CA PRO B 49 33.17 24.76 -14.17
C PRO B 49 31.86 24.00 -14.32
N ARG B 50 31.44 23.80 -15.57
CA ARG B 50 30.20 23.10 -15.87
C ARG B 50 30.07 22.88 -17.38
N TRP B 51 29.81 21.64 -17.78
CA TRP B 51 29.66 21.33 -19.20
C TRP B 51 28.46 22.06 -19.77
N THR B 52 28.60 22.54 -21.00
CA THR B 52 27.52 23.24 -21.68
C THR B 52 26.96 22.31 -22.75
N PRO B 53 25.83 22.68 -23.36
CA PRO B 53 25.27 21.81 -24.39
C PRO B 53 26.32 21.44 -25.44
N HIS B 54 27.16 22.40 -25.80
CA HIS B 54 28.19 22.14 -26.81
C HIS B 54 29.23 21.12 -26.35
N ASP B 55 29.49 21.06 -25.06
CA ASP B 55 30.44 20.09 -24.55
C ASP B 55 29.87 18.69 -24.77
N TYR B 56 28.57 18.54 -24.48
CA TYR B 56 27.90 17.25 -24.65
C TYR B 56 27.78 16.87 -26.12
N ILE B 57 27.46 17.84 -26.97
CA ILE B 57 27.34 17.58 -28.40
C ILE B 57 28.64 16.92 -28.88
N ASN B 58 29.78 17.45 -28.42
CA ASN B 58 31.07 16.91 -28.81
C ASN B 58 31.40 15.63 -28.04
N MET B 59 31.19 15.67 -26.74
CA MET B 59 31.46 14.53 -25.86
C MET B 59 30.73 13.25 -26.29
N THR B 60 29.55 13.39 -26.88
CA THR B 60 28.77 12.22 -27.30
C THR B 60 29.07 11.67 -28.70
N ARG B 61 29.88 12.38 -29.47
CA ARG B 61 30.25 11.93 -30.82
C ARG B 61 30.85 10.53 -30.73
N ASP B 62 31.58 10.26 -29.66
CA ASP B 62 32.17 8.95 -29.44
C ASP B 62 31.39 8.33 -28.29
N CYS B 63 30.32 7.63 -28.64
CA CYS B 63 29.44 7.00 -27.67
C CYS B 63 30.16 6.07 -26.71
N ALA B 64 31.06 5.23 -27.23
CA ALA B 64 31.79 4.30 -26.41
C ALA B 64 32.54 5.02 -25.28
N SER B 65 33.19 6.14 -25.61
CA SER B 65 33.94 6.89 -24.60
C SER B 65 32.99 7.64 -23.67
N PHE B 66 31.94 8.23 -24.23
CA PHE B 66 30.97 8.96 -23.40
C PHE B 66 30.44 8.00 -22.35
N ILE B 67 29.95 6.86 -22.80
CA ILE B 67 29.39 5.84 -21.91
C ILE B 67 30.40 5.39 -20.85
N ARG B 68 31.65 5.18 -21.26
CA ARG B 68 32.68 4.75 -20.32
C ARG B 68 33.03 5.83 -19.32
N THR B 69 33.36 7.02 -19.82
CA THR B 69 33.74 8.13 -18.97
C THR B 69 32.63 8.62 -18.03
N ARG B 70 31.40 8.62 -18.53
CA ARG B 70 30.26 9.05 -17.72
C ARG B 70 29.80 7.94 -16.78
N LYS B 71 30.25 6.72 -17.06
CA LYS B 71 29.94 5.55 -16.25
C LYS B 71 28.47 5.09 -16.29
N TYR B 72 27.90 5.05 -17.48
CA TYR B 72 26.53 4.57 -17.62
C TYR B 72 26.64 3.06 -17.50
N ILE B 73 25.60 2.44 -16.94
CA ILE B 73 25.58 0.99 -16.77
C ILE B 73 24.89 0.43 -18.01
N VAL B 74 25.64 -0.30 -18.84
CA VAL B 74 25.06 -0.84 -20.07
C VAL B 74 24.85 -2.35 -20.05
N GLU B 75 24.80 -2.91 -18.85
CA GLU B 75 24.55 -4.35 -18.66
C GLU B 75 23.59 -4.49 -17.48
N PRO B 76 22.56 -5.34 -17.61
CA PRO B 76 21.62 -5.51 -16.51
C PRO B 76 22.38 -6.00 -15.27
N LEU B 77 21.96 -5.56 -14.09
CA LEU B 77 22.62 -5.95 -12.85
C LEU B 77 22.17 -7.30 -12.30
N THR B 78 20.89 -7.62 -12.48
CA THR B 78 20.35 -8.90 -12.00
C THR B 78 19.32 -9.47 -12.96
N LYS B 79 19.10 -10.78 -12.88
CA LYS B 79 18.12 -11.43 -13.73
C LYS B 79 16.72 -10.93 -13.36
N GLU B 80 16.54 -10.57 -12.09
CA GLU B 80 15.25 -10.07 -11.63
C GLU B 80 14.90 -8.77 -12.37
N GLU B 81 15.87 -7.89 -12.53
CA GLU B 81 15.64 -6.63 -13.22
C GLU B 81 15.45 -6.82 -14.72
N VAL B 82 16.15 -7.81 -15.28
CA VAL B 82 16.00 -8.08 -16.72
C VAL B 82 14.56 -8.48 -16.99
N GLY B 83 13.96 -9.21 -16.05
CA GLY B 83 12.59 -9.66 -16.23
C GLY B 83 11.53 -8.64 -15.89
N PHE B 84 11.92 -7.45 -15.46
CA PHE B 84 10.94 -6.44 -15.10
C PHE B 84 11.32 -5.09 -15.73
N PRO B 85 11.10 -4.95 -17.05
CA PRO B 85 11.44 -3.71 -17.75
C PRO B 85 10.55 -2.54 -17.33
N ILE B 86 11.15 -1.36 -17.24
CA ILE B 86 10.44 -0.15 -16.85
C ILE B 86 10.56 0.90 -17.96
N ALA B 87 9.49 1.67 -18.17
CA ALA B 87 9.52 2.71 -19.19
C ALA B 87 9.48 4.09 -18.49
N TYR B 88 10.15 5.07 -19.08
CA TYR B 88 10.18 6.41 -18.52
C TYR B 88 9.83 7.47 -19.55
N SER B 89 9.10 8.48 -19.11
CA SER B 89 8.73 9.62 -19.94
C SER B 89 9.43 10.78 -19.23
N ILE B 90 10.45 11.36 -19.86
CA ILE B 90 11.20 12.46 -19.26
C ILE B 90 10.94 13.79 -19.97
N VAL B 91 10.29 14.72 -19.26
CA VAL B 91 9.94 16.02 -19.82
C VAL B 91 10.96 17.07 -19.35
N VAL B 92 11.74 17.59 -20.29
CA VAL B 92 12.78 18.56 -19.99
C VAL B 92 12.78 19.75 -20.93
N HIS B 93 13.52 20.79 -20.55
CA HIS B 93 13.59 21.98 -21.38
C HIS B 93 14.92 22.73 -21.25
N HIS B 94 15.74 22.37 -20.27
CA HIS B 94 17.03 23.01 -20.07
C HIS B 94 17.94 22.26 -19.08
N LYS B 95 19.12 22.81 -18.84
CA LYS B 95 20.10 22.22 -17.92
C LYS B 95 20.53 20.81 -18.33
N ILE B 96 21.34 20.74 -19.37
CA ILE B 96 21.83 19.47 -19.91
C ILE B 96 22.58 18.60 -18.92
N GLU B 97 23.40 19.20 -18.06
CA GLU B 97 24.14 18.39 -17.10
C GLU B 97 23.20 17.67 -16.14
N MET B 98 22.10 18.32 -15.76
CA MET B 98 21.15 17.70 -14.85
C MET B 98 20.41 16.55 -15.53
N LEU B 99 20.11 16.71 -16.82
CA LEU B 99 19.42 15.66 -17.57
C LEU B 99 20.33 14.44 -17.67
N ASP B 100 21.59 14.69 -18.02
CA ASP B 100 22.57 13.62 -18.14
C ASP B 100 22.71 12.87 -16.81
N ARG B 101 22.79 13.61 -15.70
CA ARG B 101 22.94 13.00 -14.39
C ARG B 101 21.69 12.20 -14.00
N LEU B 102 20.51 12.72 -14.31
CA LEU B 102 19.26 12.02 -14.00
C LEU B 102 19.19 10.75 -14.84
N LEU B 103 19.44 10.87 -16.14
CA LEU B 103 19.38 9.72 -17.04
C LEU B 103 20.32 8.61 -16.53
N ARG B 104 21.59 8.97 -16.28
CA ARG B 104 22.56 7.99 -15.81
C ARG B 104 22.10 7.28 -14.53
N ALA B 105 21.51 8.05 -13.62
CA ALA B 105 21.04 7.47 -12.36
C ALA B 105 19.91 6.45 -12.54
N ILE B 106 19.10 6.61 -13.57
CA ILE B 106 17.99 5.68 -13.78
C ILE B 106 18.18 4.72 -14.96
N TYR B 107 19.25 4.94 -15.73
CA TYR B 107 19.50 4.12 -16.91
C TYR B 107 19.94 2.67 -16.70
N MET B 108 19.27 1.80 -17.45
CA MET B 108 19.55 0.37 -17.49
C MET B 108 19.23 -0.01 -18.94
N PRO B 109 19.97 -0.97 -19.51
CA PRO B 109 19.78 -1.42 -20.89
C PRO B 109 18.41 -2.02 -21.21
N GLN B 110 17.82 -2.69 -20.23
CA GLN B 110 16.52 -3.33 -20.44
C GLN B 110 15.31 -2.40 -20.35
N ASN B 111 15.51 -1.19 -19.83
CA ASN B 111 14.41 -0.24 -19.69
C ASN B 111 14.26 0.58 -20.97
N PHE B 112 13.28 1.49 -20.98
CA PHE B 112 13.02 2.36 -22.13
C PHE B 112 12.89 3.79 -21.65
N TYR B 113 13.45 4.72 -22.40
CA TYR B 113 13.45 6.12 -22.02
C TYR B 113 13.06 7.07 -23.15
N CYS B 114 11.92 7.72 -22.99
CA CYS B 114 11.45 8.69 -23.96
C CYS B 114 11.74 10.07 -23.38
N ILE B 115 12.43 10.90 -24.15
CA ILE B 115 12.74 12.23 -23.68
C ILE B 115 11.96 13.24 -24.49
N HIS B 116 11.11 14.01 -23.82
CA HIS B 116 10.33 15.03 -24.50
C HIS B 116 11.06 16.36 -24.28
N VAL B 117 11.62 16.92 -25.36
CA VAL B 117 12.31 18.20 -25.27
C VAL B 117 11.33 19.28 -25.72
N ASP B 118 11.09 20.24 -24.84
CA ASP B 118 10.17 21.33 -25.12
C ASP B 118 10.59 22.02 -26.41
N ARG B 119 9.60 22.35 -27.26
CA ARG B 119 9.87 23.02 -28.51
C ARG B 119 10.48 24.40 -28.33
N LYS B 120 10.33 24.98 -27.14
CA LYS B 120 10.91 26.30 -26.88
C LYS B 120 12.34 26.20 -26.34
N ALA B 121 12.84 24.98 -26.18
CA ALA B 121 14.20 24.79 -25.67
C ALA B 121 15.22 25.33 -26.66
N GLU B 122 16.40 25.69 -26.16
CA GLU B 122 17.47 26.20 -27.01
C GLU B 122 17.89 25.09 -27.98
N GLU B 123 18.22 25.46 -29.22
CA GLU B 123 18.61 24.46 -30.19
C GLU B 123 19.83 23.67 -29.74
N SER B 124 20.79 24.32 -29.07
CA SER B 124 21.97 23.61 -28.60
C SER B 124 21.56 22.59 -27.55
N PHE B 125 20.53 22.89 -26.77
CA PHE B 125 20.06 21.95 -25.75
C PHE B 125 19.46 20.73 -26.47
N LEU B 126 18.60 20.98 -27.46
CA LEU B 126 17.99 19.88 -28.21
C LEU B 126 19.08 19.01 -28.82
N ALA B 127 20.06 19.65 -29.46
CA ALA B 127 21.15 18.91 -30.07
C ALA B 127 21.92 18.10 -29.03
N ALA B 128 22.14 18.68 -27.85
CA ALA B 128 22.85 17.97 -26.80
C ALA B 128 22.04 16.77 -26.33
N VAL B 129 20.74 16.94 -26.16
CA VAL B 129 19.88 15.83 -25.73
C VAL B 129 19.92 14.72 -26.79
N GLN B 130 19.78 15.07 -28.06
CA GLN B 130 19.84 14.08 -29.13
C GLN B 130 21.20 13.40 -29.09
N GLY B 131 22.23 14.18 -28.78
CA GLY B 131 23.57 13.63 -28.69
C GLY B 131 23.62 12.47 -27.70
N ILE B 132 23.10 12.71 -26.50
CA ILE B 132 23.09 11.68 -25.47
C ILE B 132 22.19 10.51 -25.86
N ALA B 133 20.97 10.82 -26.27
CA ALA B 133 19.98 9.81 -26.66
C ALA B 133 20.46 8.91 -27.79
N SER B 134 21.14 9.51 -28.78
CA SER B 134 21.66 8.78 -29.93
C SER B 134 22.67 7.71 -29.60
N CYS B 135 23.14 7.66 -28.35
CA CYS B 135 24.11 6.66 -27.97
C CYS B 135 23.49 5.38 -27.42
N PHE B 136 22.17 5.36 -27.28
CA PHE B 136 21.47 4.21 -26.73
C PHE B 136 20.26 3.83 -27.59
N ASP B 137 20.11 2.54 -27.88
CA ASP B 137 18.98 2.09 -28.69
C ASP B 137 17.66 2.13 -27.89
N ASN B 138 17.75 2.39 -26.60
CA ASN B 138 16.55 2.45 -25.77
C ASN B 138 16.26 3.84 -25.22
N VAL B 139 16.96 4.84 -25.75
CA VAL B 139 16.74 6.23 -25.37
C VAL B 139 16.47 6.99 -26.65
N PHE B 140 15.39 7.78 -26.67
CA PHE B 140 15.04 8.51 -27.88
C PHE B 140 14.24 9.77 -27.55
N VAL B 141 14.11 10.65 -28.53
CA VAL B 141 13.34 11.86 -28.36
C VAL B 141 11.96 11.57 -28.92
N ALA B 142 10.92 11.97 -28.19
CA ALA B 142 9.54 11.73 -28.59
C ALA B 142 9.25 12.14 -30.03
N SER B 143 8.38 11.38 -30.69
CA SER B 143 8.01 11.63 -32.08
C SER B 143 7.17 12.89 -32.23
N GLN B 144 6.59 13.35 -31.13
CA GLN B 144 5.78 14.57 -31.11
C GLN B 144 6.26 15.41 -29.95
N LEU B 145 6.46 16.70 -30.19
CA LEU B 145 6.94 17.60 -29.15
C LEU B 145 6.03 18.80 -29.01
N GLU B 146 5.79 19.19 -27.77
CA GLU B 146 4.94 20.33 -27.47
C GLU B 146 5.75 21.52 -27.01
N SER B 147 5.10 22.68 -27.04
CA SER B 147 5.67 23.91 -26.51
C SER B 147 4.87 23.91 -25.21
N VAL B 148 5.50 23.50 -24.12
CA VAL B 148 4.80 23.43 -22.83
C VAL B 148 4.60 24.75 -22.12
N VAL B 149 3.35 25.03 -21.77
CA VAL B 149 3.01 26.24 -21.04
C VAL B 149 2.65 25.81 -19.63
N TYR B 150 3.19 26.50 -18.63
CA TYR B 150 2.93 26.17 -17.23
C TYR B 150 1.44 26.04 -16.93
N ALA B 151 1.06 24.91 -16.32
CA ALA B 151 -0.33 24.65 -15.93
C ALA B 151 -1.30 24.34 -17.08
N SER B 152 -0.80 24.22 -18.29
CA SER B 152 -1.72 23.97 -19.39
C SER B 152 -1.75 22.52 -19.85
N TRP B 153 -2.72 22.24 -20.71
CA TRP B 153 -2.89 20.90 -21.24
C TRP B 153 -1.61 20.40 -21.92
N THR B 154 -0.83 21.31 -22.49
CA THR B 154 0.40 20.90 -23.17
C THR B 154 1.36 20.12 -22.28
N ARG B 155 1.30 20.33 -20.97
CA ARG B 155 2.18 19.60 -20.06
C ARG B 155 1.72 18.14 -20.01
N VAL B 156 0.42 17.92 -20.11
CA VAL B 156 -0.14 16.58 -20.11
C VAL B 156 0.17 15.92 -21.46
N LYS B 157 0.00 16.71 -22.51
CA LYS B 157 0.24 16.24 -23.87
C LYS B 157 1.66 15.73 -24.05
N ALA B 158 2.62 16.36 -23.37
CA ALA B 158 4.01 15.94 -23.46
C ALA B 158 4.14 14.49 -23.02
N ASP B 159 3.53 14.15 -21.91
CA ASP B 159 3.58 12.77 -21.42
C ASP B 159 2.80 11.83 -22.33
N LEU B 160 1.67 12.31 -22.86
CA LEU B 160 0.89 11.47 -23.77
C LEU B 160 1.70 11.16 -25.02
N ASN B 161 2.49 12.13 -25.48
CA ASN B 161 3.31 11.91 -26.67
C ASN B 161 4.28 10.77 -26.40
N CYS B 162 4.92 10.80 -25.23
CA CYS B 162 5.84 9.73 -24.86
C CYS B 162 5.10 8.41 -24.63
N MET B 163 3.91 8.48 -24.04
CA MET B 163 3.14 7.26 -23.80
C MET B 163 2.90 6.54 -25.14
N LYS B 164 2.51 7.31 -26.15
CA LYS B 164 2.26 6.74 -27.47
C LYS B 164 3.48 6.01 -28.00
N ASP B 165 4.64 6.68 -27.98
CA ASP B 165 5.88 6.07 -28.47
C ASP B 165 6.28 4.83 -27.68
N LEU B 166 6.32 4.96 -26.36
CA LEU B 166 6.71 3.87 -25.49
C LEU B 166 5.80 2.65 -25.58
N TYR B 167 4.49 2.87 -25.65
CA TYR B 167 3.55 1.75 -25.71
C TYR B 167 3.70 0.93 -26.99
N ARG B 168 3.82 1.59 -28.14
CA ARG B 168 3.93 0.84 -29.39
C ARG B 168 5.31 0.24 -29.68
N MET B 169 6.36 0.79 -29.07
CA MET B 169 7.71 0.30 -29.33
C MET B 169 8.10 -0.98 -28.60
N ASN B 170 7.42 -1.29 -27.51
CA ASN B 170 7.74 -2.52 -26.77
C ASN B 170 6.53 -2.96 -25.95
N ALA B 171 6.24 -4.25 -25.99
CA ALA B 171 5.09 -4.80 -25.28
C ALA B 171 5.42 -5.48 -23.97
N ASN B 172 6.68 -5.41 -23.54
CA ASN B 172 7.09 -6.09 -22.32
C ASN B 172 7.31 -5.24 -21.08
N TRP B 173 7.46 -3.93 -21.21
CA TRP B 173 7.68 -3.13 -20.01
C TRP B 173 6.44 -3.19 -19.11
N LYS B 174 6.68 -3.23 -17.81
CA LYS B 174 5.62 -3.36 -16.82
C LYS B 174 4.92 -2.09 -16.36
N TYR B 175 5.70 -1.05 -16.08
CA TYR B 175 5.18 0.23 -15.61
C TYR B 175 5.86 1.40 -16.29
N LEU B 176 5.16 2.52 -16.32
CA LEU B 176 5.66 3.76 -16.87
C LEU B 176 5.74 4.77 -15.71
N ILE B 177 6.87 5.44 -15.59
CA ILE B 177 7.06 6.45 -14.55
C ILE B 177 7.42 7.73 -15.30
N ASN B 178 6.68 8.81 -15.08
CA ASN B 178 6.99 10.06 -15.76
C ASN B 178 7.86 10.93 -14.85
N LEU B 179 8.79 11.66 -15.46
CA LEU B 179 9.71 12.51 -14.72
C LEU B 179 9.89 13.87 -15.38
N CYS B 180 10.47 14.80 -14.63
CA CYS B 180 10.78 16.14 -15.13
C CYS B 180 12.27 16.30 -14.85
N GLY B 181 12.88 17.34 -15.42
CA GLY B 181 14.31 17.54 -15.27
C GLY B 181 14.87 17.70 -13.86
N MET B 182 14.06 18.21 -12.94
CA MET B 182 14.55 18.42 -11.59
C MET B 182 14.24 17.29 -10.59
N ASP B 183 13.80 16.14 -11.11
CA ASP B 183 13.52 14.98 -10.26
C ASP B 183 14.83 14.22 -10.09
N PHE B 184 14.84 13.34 -9.10
CA PHE B 184 15.99 12.47 -8.89
C PHE B 184 15.48 11.25 -8.12
N PRO B 185 15.99 10.06 -8.47
CA PRO B 185 15.53 8.87 -7.75
C PRO B 185 16.12 8.81 -6.35
N ILE B 186 15.42 8.14 -5.45
CA ILE B 186 15.94 7.94 -4.09
C ILE B 186 15.96 6.44 -3.85
N LYS B 187 15.78 5.69 -4.94
CA LYS B 187 15.78 4.22 -4.94
C LYS B 187 16.56 3.73 -6.16
N THR B 188 17.19 2.57 -6.04
CA THR B 188 17.95 2.00 -7.16
C THR B 188 16.94 1.33 -8.10
N ASN B 189 17.39 0.96 -9.29
CA ASN B 189 16.48 0.32 -10.24
C ASN B 189 15.90 -0.96 -9.64
N LEU B 190 16.74 -1.72 -8.94
CA LEU B 190 16.29 -2.96 -8.31
C LEU B 190 15.24 -2.67 -7.24
N GLU B 191 15.45 -1.63 -6.44
CA GLU B 191 14.50 -1.27 -5.39
C GLU B 191 13.18 -0.83 -6.01
N ILE B 192 13.26 -0.18 -7.16
CA ILE B 192 12.06 0.28 -7.85
C ILE B 192 11.29 -0.94 -8.34
N VAL B 193 12.01 -1.85 -9.00
CA VAL B 193 11.40 -3.07 -9.52
C VAL B 193 10.64 -3.81 -8.41
N ARG B 194 11.28 -3.95 -7.26
CA ARG B 194 10.66 -4.63 -6.13
C ARG B 194 9.40 -3.94 -5.60
N LYS B 195 9.42 -2.61 -5.51
CA LYS B 195 8.23 -1.91 -5.03
C LYS B 195 7.12 -2.00 -6.06
N LEU B 196 7.47 -2.08 -7.34
CA LEU B 196 6.47 -2.20 -8.39
C LEU B 196 5.84 -3.57 -8.34
N LYS B 197 6.64 -4.60 -8.03
CA LYS B 197 6.08 -5.94 -7.93
C LYS B 197 5.16 -5.98 -6.72
N CYS B 198 5.47 -5.18 -5.72
CA CYS B 198 4.66 -5.10 -4.51
C CYS B 198 3.28 -4.51 -4.79
N SER B 199 3.16 -3.74 -5.87
CA SER B 199 1.88 -3.14 -6.22
C SER B 199 0.95 -4.14 -6.89
N THR B 200 1.49 -5.31 -7.20
CA THR B 200 0.75 -6.41 -7.85
C THR B 200 -0.27 -5.99 -8.92
N GLY B 201 0.21 -5.39 -10.00
CA GLY B 201 -0.66 -5.00 -11.09
C GLY B 201 -1.51 -3.74 -10.95
N GLU B 202 -1.42 -3.08 -9.79
CA GLU B 202 -2.19 -1.87 -9.57
C GLU B 202 -1.33 -0.64 -9.88
N ASN B 203 -1.98 0.47 -10.19
CA ASN B 203 -1.24 1.71 -10.46
C ASN B 203 -1.02 2.36 -9.11
N ASN B 204 -0.11 3.32 -9.05
CA ASN B 204 0.14 4.00 -7.79
C ASN B 204 0.42 5.48 -8.05
N LEU B 205 -0.52 6.32 -7.61
CA LEU B 205 -0.41 7.76 -7.79
C LEU B 205 -1.38 8.41 -6.82
N GLU B 206 -1.11 9.67 -6.51
CA GLU B 206 -1.96 10.44 -5.63
C GLU B 206 -3.34 10.56 -6.29
N THR B 207 -4.40 10.33 -5.52
CA THR B 207 -5.75 10.45 -6.04
C THR B 207 -6.70 10.62 -4.86
N GLU B 208 -7.18 11.83 -4.68
CA GLU B 208 -8.06 12.18 -3.57
C GLU B 208 -9.32 12.93 -4.00
N LYS B 209 -10.36 12.80 -3.18
CA LYS B 209 -11.63 13.49 -3.44
C LYS B 209 -11.30 14.94 -3.79
N MET B 210 -11.87 15.42 -4.88
CA MET B 210 -11.62 16.79 -5.34
C MET B 210 -12.22 17.85 -4.41
N PRO B 211 -11.38 18.77 -3.91
CA PRO B 211 -11.90 19.82 -3.01
C PRO B 211 -12.78 20.74 -3.84
N PRO B 212 -14.02 21.00 -3.38
CA PRO B 212 -14.94 21.88 -4.11
C PRO B 212 -14.36 23.26 -4.39
N ASN B 213 -13.43 23.70 -3.55
CA ASN B 213 -12.83 25.03 -3.73
C ASN B 213 -11.92 25.16 -4.95
N LYS B 214 -11.63 24.06 -5.62
CA LYS B 214 -10.78 24.12 -6.82
C LYS B 214 -11.61 24.02 -8.09
N GLU B 215 -12.93 24.02 -7.94
CA GLU B 215 -13.83 23.88 -9.06
C GLU B 215 -13.65 24.90 -10.19
N GLU B 216 -13.14 26.09 -9.89
CA GLU B 216 -12.97 27.07 -10.97
C GLU B 216 -11.89 26.66 -11.95
N ARG B 217 -11.07 25.69 -11.56
CA ARG B 217 -10.01 25.19 -12.44
C ARG B 217 -10.60 24.48 -13.65
N TRP B 218 -11.78 23.89 -13.48
CA TRP B 218 -12.42 23.18 -14.59
C TRP B 218 -13.83 23.66 -14.95
N LYS B 219 -14.41 24.54 -14.15
CA LYS B 219 -15.74 25.05 -14.48
C LYS B 219 -15.66 26.21 -15.45
N LYS B 220 -14.45 26.74 -15.62
CA LYS B 220 -14.19 27.85 -16.51
C LYS B 220 -13.14 27.45 -17.55
N ARG B 221 -13.20 28.10 -18.71
CA ARG B 221 -12.26 27.86 -19.80
C ARG B 221 -11.03 28.75 -19.62
N TYR B 222 -9.84 28.18 -19.83
CA TYR B 222 -8.60 28.93 -19.70
C TYR B 222 -7.92 29.12 -21.04
N ALA B 223 -7.27 30.26 -21.22
CA ALA B 223 -6.57 30.56 -22.46
C ALA B 223 -5.19 31.10 -22.17
N VAL B 224 -4.23 30.72 -23.00
CA VAL B 224 -2.86 31.20 -22.82
C VAL B 224 -2.83 32.64 -23.31
N VAL B 225 -2.72 33.57 -22.37
CA VAL B 225 -2.68 34.99 -22.70
C VAL B 225 -1.34 35.58 -22.32
N ASP B 226 -0.58 36.01 -23.34
CA ASP B 226 0.72 36.61 -23.14
C ASP B 226 1.66 35.66 -22.40
N GLY B 227 1.64 34.39 -22.82
CA GLY B 227 2.50 33.39 -22.21
C GLY B 227 1.99 32.76 -20.93
N LYS B 228 0.89 33.27 -20.38
CA LYS B 228 0.34 32.74 -19.13
C LYS B 228 -1.09 32.24 -19.30
N LEU B 229 -1.36 31.04 -18.78
CA LEU B 229 -2.70 30.46 -18.87
C LEU B 229 -3.58 31.27 -17.92
N THR B 230 -4.68 31.82 -18.42
CA THR B 230 -5.54 32.62 -17.57
C THR B 230 -7.03 32.30 -17.69
N ASN B 231 -7.75 32.54 -16.61
CA ASN B 231 -9.19 32.29 -16.53
C ASN B 231 -9.93 33.27 -17.46
N THR B 232 -10.69 32.74 -18.41
CA THR B 232 -11.44 33.58 -19.34
C THR B 232 -12.84 33.91 -18.83
N GLY B 233 -13.30 33.16 -17.83
CA GLY B 233 -14.63 33.39 -17.30
C GLY B 233 -15.68 32.67 -18.12
N ILE B 234 -15.27 32.07 -19.23
CA ILE B 234 -16.19 31.34 -20.09
C ILE B 234 -16.54 30.01 -19.41
N VAL B 235 -17.83 29.77 -19.24
CA VAL B 235 -18.33 28.57 -18.60
C VAL B 235 -18.17 27.28 -19.41
N LYS B 236 -17.62 26.25 -18.78
CA LYS B 236 -17.43 24.96 -19.45
C LYS B 236 -18.59 24.02 -19.12
N ALA B 237 -18.80 23.02 -19.97
CA ALA B 237 -19.85 22.05 -19.73
C ALA B 237 -19.34 21.15 -18.60
N PRO B 238 -20.22 20.32 -18.01
CA PRO B 238 -19.78 19.44 -16.93
C PRO B 238 -18.83 18.38 -17.50
N PRO B 239 -17.99 17.78 -16.65
CA PRO B 239 -17.06 16.75 -17.12
C PRO B 239 -17.84 15.64 -17.82
N PRO B 240 -17.30 15.14 -18.96
CA PRO B 240 -17.97 14.08 -19.70
C PRO B 240 -17.76 12.68 -19.09
N LEU B 241 -18.14 12.52 -17.83
CA LEU B 241 -18.00 11.22 -17.18
C LEU B 241 -18.85 11.05 -15.93
N LYS B 242 -19.25 9.80 -15.69
CA LYS B 242 -20.06 9.47 -14.54
C LYS B 242 -19.24 9.68 -13.27
N THR B 243 -18.01 9.17 -13.30
CA THR B 243 -17.08 9.27 -12.19
C THR B 243 -16.73 10.71 -11.82
N PRO B 244 -16.57 11.01 -10.53
CA PRO B 244 -16.23 12.36 -10.10
C PRO B 244 -14.78 12.68 -10.45
N LEU B 245 -14.42 13.95 -10.40
CA LEU B 245 -13.05 14.33 -10.67
C LEU B 245 -12.28 14.13 -9.37
N PHE B 246 -11.02 13.72 -9.48
CA PHE B 246 -10.18 13.52 -8.32
C PHE B 246 -8.96 14.41 -8.42
N SER B 247 -8.44 14.80 -7.27
CA SER B 247 -7.27 15.66 -7.17
C SER B 247 -5.99 14.84 -7.04
N GLY B 248 -4.93 15.28 -7.70
CA GLY B 248 -3.69 14.56 -7.62
C GLY B 248 -2.44 15.32 -7.99
N SER B 249 -1.52 14.61 -8.63
CA SER B 249 -0.23 15.14 -9.03
C SER B 249 0.04 14.91 -10.52
N ALA B 250 1.03 15.60 -11.07
CA ALA B 250 1.40 15.42 -12.46
C ALA B 250 2.20 14.13 -12.59
N TYR B 251 2.68 13.62 -11.46
CA TYR B 251 3.50 12.41 -11.45
C TYR B 251 2.76 11.15 -11.08
N PHE B 252 3.06 10.08 -11.80
CA PHE B 252 2.39 8.81 -11.60
C PHE B 252 3.30 7.60 -11.83
N VAL B 253 2.77 6.45 -11.47
CA VAL B 253 3.44 5.17 -11.66
C VAL B 253 2.28 4.31 -12.14
N VAL B 254 2.24 4.05 -13.44
CA VAL B 254 1.14 3.27 -14.00
C VAL B 254 1.55 2.08 -14.85
N THR B 255 0.68 1.07 -14.85
CA THR B 255 0.92 -0.16 -15.61
C THR B 255 0.84 0.12 -17.11
N ARG B 256 1.49 -0.73 -17.90
CA ARG B 256 1.42 -0.57 -19.35
C ARG B 256 -0.04 -0.65 -19.79
N GLU B 257 -0.82 -1.46 -19.09
CA GLU B 257 -2.24 -1.62 -19.42
C GLU B 257 -3.03 -0.33 -19.24
N TYR B 258 -2.68 0.44 -18.21
CA TYR B 258 -3.34 1.72 -17.94
C TYR B 258 -3.04 2.63 -19.14
N VAL B 259 -1.77 2.63 -19.55
CA VAL B 259 -1.34 3.45 -20.68
C VAL B 259 -2.08 3.08 -21.96
N GLY B 260 -2.15 1.78 -22.27
CA GLY B 260 -2.86 1.36 -23.46
C GLY B 260 -4.31 1.80 -23.42
N TYR B 261 -4.91 1.77 -22.23
CA TYR B 261 -6.30 2.16 -22.07
C TYR B 261 -6.48 3.66 -22.31
N VAL B 262 -5.57 4.47 -21.75
CA VAL B 262 -5.62 5.92 -21.91
C VAL B 262 -5.51 6.28 -23.40
N LEU B 263 -4.61 5.59 -24.08
CA LEU B 263 -4.36 5.83 -25.50
C LEU B 263 -5.49 5.38 -26.44
N GLU B 264 -6.25 4.36 -26.04
CA GLU B 264 -7.30 3.82 -26.91
C GLU B 264 -8.77 4.02 -26.56
N ASN B 265 -9.09 4.02 -25.27
CA ASN B 265 -10.48 4.15 -24.85
C ASN B 265 -11.18 5.44 -25.28
N GLU B 266 -12.34 5.29 -25.92
CA GLU B 266 -13.12 6.42 -26.40
C GLU B 266 -13.57 7.39 -25.31
N ASN B 267 -14.12 6.87 -24.21
CA ASN B 267 -14.57 7.75 -23.14
C ASN B 267 -13.41 8.57 -22.57
N ILE B 268 -12.24 7.96 -22.46
CA ILE B 268 -11.07 8.67 -21.95
C ILE B 268 -10.70 9.78 -22.92
N GLN B 269 -10.79 9.51 -24.22
CA GLN B 269 -10.46 10.52 -25.22
C GLN B 269 -11.38 11.72 -25.04
N LYS B 270 -12.65 11.45 -24.78
CA LYS B 270 -13.64 12.50 -24.58
C LYS B 270 -13.28 13.33 -23.35
N LEU B 271 -12.85 12.65 -22.29
CA LEU B 271 -12.47 13.33 -21.06
C LEU B 271 -11.26 14.22 -21.31
N MET B 272 -10.28 13.69 -22.03
CA MET B 272 -9.06 14.46 -22.32
C MET B 272 -9.33 15.67 -23.21
N GLU B 273 -10.21 15.55 -24.18
CA GLU B 273 -10.48 16.71 -25.03
C GLU B 273 -11.21 17.78 -24.22
N TRP B 274 -12.07 17.36 -23.29
CA TRP B 274 -12.79 18.29 -22.44
C TRP B 274 -11.81 19.03 -21.52
N ALA B 275 -10.78 18.32 -21.09
CA ALA B 275 -9.79 18.89 -20.16
C ALA B 275 -8.76 19.83 -20.77
N GLN B 276 -8.68 19.89 -22.10
CA GLN B 276 -7.70 20.72 -22.79
C GLN B 276 -7.65 22.19 -22.38
N ASP B 277 -8.78 22.79 -22.03
CA ASP B 277 -8.77 24.20 -21.65
C ASP B 277 -9.05 24.42 -20.16
N THR B 278 -8.63 23.48 -19.32
CA THR B 278 -8.82 23.61 -17.88
C THR B 278 -7.49 24.06 -17.29
N TYR B 279 -7.47 24.39 -16.01
CA TYR B 279 -6.24 24.83 -15.36
C TYR B 279 -5.60 23.61 -14.70
N SER B 280 -4.29 23.46 -14.91
CA SER B 280 -3.53 22.34 -14.35
C SER B 280 -4.23 21.00 -14.51
N PRO B 281 -4.58 20.63 -15.76
CA PRO B 281 -5.25 19.34 -15.96
C PRO B 281 -4.37 18.17 -15.49
N ASP B 282 -3.07 18.40 -15.43
CA ASP B 282 -2.15 17.36 -14.98
C ASP B 282 -2.42 16.99 -13.51
N GLU B 283 -3.01 17.91 -12.76
CA GLU B 283 -3.29 17.66 -11.36
C GLU B 283 -4.64 17.03 -11.07
N PHE B 284 -5.34 16.60 -12.13
CA PHE B 284 -6.60 15.90 -11.93
C PHE B 284 -6.86 14.77 -12.93
N LEU B 285 -6.30 14.87 -14.13
CA LEU B 285 -6.54 13.86 -15.16
C LEU B 285 -6.13 12.44 -14.78
N TRP B 286 -4.86 12.28 -14.40
CA TRP B 286 -4.36 10.96 -14.03
C TRP B 286 -5.09 10.41 -12.80
N ALA B 287 -5.27 11.28 -11.80
CA ALA B 287 -5.94 10.91 -10.55
C ALA B 287 -7.39 10.51 -10.78
N THR B 288 -8.03 11.13 -11.78
CA THR B 288 -9.42 10.84 -12.10
C THR B 288 -9.55 9.54 -12.88
N ILE B 289 -8.70 9.36 -13.88
CA ILE B 289 -8.73 8.16 -14.69
C ILE B 289 -8.48 6.93 -13.82
N GLN B 290 -7.66 7.12 -12.79
CA GLN B 290 -7.31 6.06 -11.86
C GLN B 290 -8.53 5.55 -11.07
N ARG B 291 -9.64 6.28 -11.12
CA ARG B 291 -10.84 5.88 -10.38
C ARG B 291 -12.00 5.51 -11.29
N ILE B 292 -11.76 5.45 -12.59
CA ILE B 292 -12.81 5.10 -13.54
C ILE B 292 -12.92 3.57 -13.60
N PRO B 293 -14.14 3.05 -13.46
CA PRO B 293 -14.31 1.59 -13.52
C PRO B 293 -13.83 1.00 -14.85
N GLU B 294 -13.19 -0.17 -14.76
CA GLU B 294 -12.67 -0.88 -15.94
C GLU B 294 -11.29 -0.39 -16.39
N VAL B 295 -10.83 0.74 -15.85
CA VAL B 295 -9.48 1.18 -16.20
C VAL B 295 -8.56 0.18 -15.51
N PRO B 296 -7.58 -0.39 -16.24
CA PRO B 296 -6.66 -1.36 -15.63
C PRO B 296 -5.85 -0.78 -14.47
N GLY B 297 -5.85 -1.49 -13.34
CA GLY B 297 -5.10 -1.05 -12.17
C GLY B 297 -5.72 0.05 -11.33
N SER B 298 -6.97 0.41 -11.65
CA SER B 298 -7.69 1.46 -10.94
C SER B 298 -8.24 1.03 -9.57
N PHE B 299 -8.74 2.02 -8.83
CA PHE B 299 -9.35 1.82 -7.50
C PHE B 299 -10.79 2.31 -7.62
N PRO B 300 -11.70 1.79 -6.80
CA PRO B 300 -13.09 2.25 -6.88
C PRO B 300 -13.10 3.75 -6.55
N SER B 301 -14.15 4.46 -6.95
CA SER B 301 -14.24 5.89 -6.70
C SER B 301 -14.52 6.24 -5.23
N SER B 302 -14.90 5.25 -4.44
CA SER B 302 -15.17 5.49 -3.02
C SER B 302 -13.94 6.13 -2.39
N ASN B 303 -14.16 7.16 -1.57
CA ASN B 303 -13.04 7.85 -0.92
C ASN B 303 -12.24 6.97 0.02
N LYS B 304 -12.72 5.76 0.29
CA LYS B 304 -12.00 4.85 1.16
C LYS B 304 -10.69 4.45 0.49
N TYR B 305 -10.64 4.60 -0.83
CA TYR B 305 -9.45 4.23 -1.59
C TYR B 305 -8.52 5.40 -1.93
N ASP B 306 -8.86 6.59 -1.47
CA ASP B 306 -8.03 7.77 -1.76
C ASP B 306 -6.59 7.55 -1.32
N LEU B 307 -5.64 8.09 -2.10
CA LEU B 307 -4.22 8.00 -1.78
C LEU B 307 -3.63 9.40 -1.76
N SER B 308 -3.04 9.77 -0.62
CA SER B 308 -2.43 11.07 -0.47
C SER B 308 -1.06 11.02 -1.15
N ASP B 309 -0.40 12.18 -1.23
CA ASP B 309 0.92 12.22 -1.84
C ASP B 309 1.92 11.42 -1.00
N MET B 310 1.68 11.34 0.30
CA MET B 310 2.58 10.58 1.19
C MET B 310 2.29 9.08 1.15
N ASN B 311 1.04 8.68 0.99
CA ASN B 311 0.73 7.27 0.92
C ASN B 311 1.02 6.66 -0.45
N ALA B 312 1.02 7.49 -1.49
CA ALA B 312 1.35 7.00 -2.83
C ALA B 312 2.88 6.96 -2.86
N ILE B 313 3.47 6.24 -3.83
CA ILE B 313 4.93 6.16 -3.89
C ILE B 313 5.54 6.93 -5.05
N ALA B 314 4.70 7.62 -5.82
CA ALA B 314 5.16 8.35 -6.99
C ALA B 314 6.24 9.39 -6.74
N ARG B 315 5.97 10.36 -5.89
CA ARG B 315 6.96 11.40 -5.67
C ARG B 315 6.95 12.06 -4.29
N PHE B 316 8.13 12.13 -3.69
CA PHE B 316 8.27 12.78 -2.40
C PHE B 316 8.53 14.26 -2.67
N VAL B 317 7.63 15.11 -2.20
CA VAL B 317 7.73 16.55 -2.38
C VAL B 317 7.37 17.24 -1.07
N LYS B 318 8.17 18.22 -0.67
CA LYS B 318 7.90 18.96 0.56
C LYS B 318 7.30 20.32 0.23
N TRP B 319 6.14 20.61 0.81
CA TRP B 319 5.49 21.89 0.59
C TRP B 319 5.74 22.76 1.82
N GLN B 320 6.23 23.97 1.57
CA GLN B 320 6.56 24.92 2.63
C GLN B 320 5.52 25.01 3.74
N TYR B 321 4.25 25.06 3.37
CA TYR B 321 3.18 25.19 4.36
C TYR B 321 2.86 23.94 5.18
N PHE B 322 3.48 22.81 4.86
CA PHE B 322 3.25 21.58 5.60
C PHE B 322 4.43 21.18 6.45
N GLU B 323 5.61 21.70 6.13
CA GLU B 323 6.83 21.38 6.86
C GLU B 323 6.70 21.79 8.32
N GLY B 324 7.36 21.04 9.20
CA GLY B 324 7.31 21.35 10.62
C GLY B 324 7.79 20.19 11.48
N ASP B 325 7.35 20.18 12.73
CA ASP B 325 7.74 19.13 13.67
C ASP B 325 6.97 17.84 13.35
N VAL B 326 7.67 16.86 12.81
CA VAL B 326 7.03 15.59 12.44
C VAL B 326 6.39 14.94 13.67
N SER B 327 7.05 15.05 14.81
CA SER B 327 6.53 14.46 16.04
C SER B 327 5.36 15.27 16.59
N ASN B 328 4.97 16.32 15.87
CA ASN B 328 3.87 17.16 16.31
C ASN B 328 2.78 17.34 15.27
N GLY B 329 2.71 16.44 14.29
CA GLY B 329 1.67 16.54 13.27
C GLY B 329 2.13 16.93 11.88
N ALA B 330 3.39 17.30 11.73
CA ALA B 330 3.93 17.67 10.43
C ALA B 330 4.18 16.43 9.59
N PRO B 331 3.85 16.47 8.29
CA PRO B 331 4.06 15.33 7.38
C PRO B 331 5.55 15.06 7.13
N TYR B 332 6.35 16.10 7.29
CA TYR B 332 7.80 16.00 7.07
C TYR B 332 8.54 17.21 7.66
N PRO B 333 9.86 17.08 7.89
CA PRO B 333 10.71 18.14 8.45
C PRO B 333 10.86 19.34 7.52
N PRO B 334 11.28 20.49 8.09
CA PRO B 334 11.46 21.68 7.26
C PRO B 334 12.57 21.52 6.22
N CYS B 335 12.45 22.29 5.15
CA CYS B 335 13.40 22.27 4.04
C CYS B 335 14.78 22.77 4.49
N SER B 336 15.83 22.08 4.03
CA SER B 336 17.19 22.47 4.36
C SER B 336 17.82 23.23 3.19
N GLY B 337 17.07 23.31 2.10
CA GLY B 337 17.55 24.03 0.92
C GLY B 337 16.84 25.36 0.84
N VAL B 338 16.09 25.59 -0.24
CA VAL B 338 15.35 26.84 -0.39
C VAL B 338 14.00 26.52 -1.01
N HIS B 339 13.03 27.40 -0.82
CA HIS B 339 11.71 27.18 -1.39
C HIS B 339 11.50 27.97 -2.67
N VAL B 340 10.92 27.32 -3.67
CA VAL B 340 10.60 27.97 -4.94
C VAL B 340 9.12 27.70 -5.14
N ARG B 341 8.32 28.76 -5.12
CA ARG B 341 6.87 28.65 -5.29
C ARG B 341 6.29 27.65 -4.28
N SER B 342 6.75 27.76 -3.03
CA SER B 342 6.29 26.90 -1.95
C SER B 342 6.83 25.48 -1.98
N VAL B 343 7.63 25.16 -3.00
CA VAL B 343 8.20 23.82 -3.11
C VAL B 343 9.64 23.81 -2.62
N CYS B 344 10.00 22.79 -1.86
CA CYS B 344 11.36 22.69 -1.34
C CYS B 344 12.35 22.17 -2.36
N VAL B 345 13.43 22.92 -2.55
CA VAL B 345 14.50 22.51 -3.44
C VAL B 345 15.50 21.99 -2.42
N PHE B 346 15.58 20.67 -2.33
CA PHE B 346 16.44 19.98 -1.36
C PHE B 346 17.87 20.44 -1.14
N GLY B 347 18.25 20.44 0.14
CA GLY B 347 19.60 20.78 0.54
C GLY B 347 20.13 19.47 1.07
N ALA B 348 21.43 19.40 1.31
CA ALA B 348 22.04 18.17 1.82
C ALA B 348 21.40 17.71 3.12
N GLY B 349 20.89 18.66 3.90
CA GLY B 349 20.28 18.33 5.17
C GLY B 349 18.94 17.61 5.06
N ASP B 350 18.34 17.64 3.87
CA ASP B 350 17.05 16.98 3.65
C ASP B 350 17.21 15.49 3.35
N LEU B 351 18.38 15.13 2.82
CA LEU B 351 18.67 13.75 2.42
C LEU B 351 18.42 12.61 3.39
N SER B 352 18.95 12.72 4.61
CA SER B 352 18.81 11.66 5.60
C SER B 352 17.38 11.19 5.85
N TRP B 353 16.48 12.12 6.15
CA TRP B 353 15.09 11.77 6.42
C TRP B 353 14.44 11.27 5.13
N MET B 354 14.69 11.98 4.04
CA MET B 354 14.13 11.65 2.73
C MET B 354 14.36 10.19 2.32
N LEU B 355 15.60 9.73 2.46
CA LEU B 355 15.95 8.36 2.08
C LEU B 355 15.17 7.29 2.83
N ARG B 356 14.57 7.66 3.96
CA ARG B 356 13.80 6.69 4.73
C ARG B 356 12.35 6.58 4.25
N GLN B 357 11.94 7.44 3.34
CA GLN B 357 10.56 7.39 2.85
C GLN B 357 10.44 6.32 1.78
N HIS B 358 9.22 5.93 1.44
CA HIS B 358 9.05 4.85 0.45
C HIS B 358 8.91 5.27 -1.01
N HIS B 359 8.94 6.57 -1.27
CA HIS B 359 8.80 7.06 -2.64
C HIS B 359 9.92 6.61 -3.57
N LEU B 360 9.62 6.53 -4.86
CA LEU B 360 10.60 6.12 -5.85
C LEU B 360 11.52 7.27 -6.23
N PHE B 361 10.92 8.44 -6.41
CA PHE B 361 11.64 9.65 -6.79
C PHE B 361 11.27 10.81 -5.87
N ALA B 362 12.11 11.84 -5.89
CA ALA B 362 11.86 13.03 -5.08
C ALA B 362 12.04 14.27 -5.97
N ASN B 363 11.32 15.33 -5.61
CA ASN B 363 11.34 16.58 -6.33
C ASN B 363 11.28 17.70 -5.28
N LYS B 364 12.05 18.78 -5.44
CA LYS B 364 12.95 18.98 -6.56
C LYS B 364 14.40 19.24 -6.13
N PHE B 365 15.32 19.00 -7.06
CA PHE B 365 16.75 19.20 -6.83
C PHE B 365 17.27 20.25 -7.81
N ASP B 366 18.37 20.91 -7.46
CA ASP B 366 18.96 21.93 -8.32
C ASP B 366 20.43 22.15 -7.95
N MET B 367 21.33 21.86 -8.89
CA MET B 367 22.76 22.03 -8.66
C MET B 367 23.13 23.46 -8.24
N ASP B 368 22.31 24.42 -8.63
CA ASP B 368 22.57 25.83 -8.29
C ASP B 368 22.15 26.18 -6.86
N VAL B 369 21.34 25.33 -6.26
CA VAL B 369 20.88 25.56 -4.89
C VAL B 369 21.80 24.79 -3.94
N ASP B 370 21.89 23.48 -4.17
CA ASP B 370 22.74 22.63 -3.35
C ASP B 370 23.21 21.43 -4.17
N PRO B 371 24.39 21.56 -4.79
CA PRO B 371 24.93 20.47 -5.62
C PRO B 371 25.33 19.25 -4.81
N PHE B 372 25.57 19.43 -3.51
CA PHE B 372 25.96 18.33 -2.64
C PHE B 372 24.81 17.38 -2.36
N ALA B 373 23.59 17.91 -2.33
CA ALA B 373 22.43 17.07 -2.09
C ALA B 373 22.33 16.06 -3.22
N ILE B 374 22.72 16.51 -4.42
CA ILE B 374 22.69 15.66 -5.60
C ILE B 374 23.82 14.64 -5.58
N GLN B 375 25.04 15.15 -5.52
CA GLN B 375 26.23 14.31 -5.52
C GLN B 375 26.16 13.18 -4.48
N CYS B 376 25.80 13.53 -3.25
CA CYS B 376 25.72 12.53 -2.20
C CYS B 376 24.68 11.47 -2.52
N LEU B 377 23.52 11.88 -2.97
CA LEU B 377 22.44 10.96 -3.33
C LEU B 377 22.86 10.06 -4.48
N ASP B 378 23.43 10.67 -5.51
CA ASP B 378 23.88 9.96 -6.71
C ASP B 378 24.93 8.90 -6.35
N GLU B 379 25.95 9.30 -5.60
CA GLU B 379 27.00 8.36 -5.21
C GLU B 379 26.44 7.23 -4.38
N HIS B 380 25.55 7.58 -3.45
CA HIS B 380 24.92 6.60 -2.57
C HIS B 380 24.15 5.53 -3.34
N LEU B 381 23.31 5.95 -4.27
CA LEU B 381 22.51 5.01 -5.05
C LEU B 381 23.37 4.10 -5.94
N ARG B 382 24.46 4.64 -6.48
CA ARG B 382 25.33 3.85 -7.34
C ARG B 382 26.03 2.78 -6.52
N ARG B 383 26.57 3.16 -5.36
CA ARG B 383 27.25 2.18 -4.51
C ARG B 383 26.27 1.10 -4.07
N LYS B 384 25.10 1.53 -3.61
CA LYS B 384 24.07 0.62 -3.16
C LYS B 384 23.69 -0.36 -4.29
N ALA B 385 23.60 0.16 -5.50
CA ALA B 385 23.24 -0.67 -6.65
C ALA B 385 24.33 -1.68 -6.97
N LEU B 386 25.58 -1.25 -6.89
CA LEU B 386 26.72 -2.12 -7.18
C LEU B 386 26.93 -3.24 -6.15
N GLU B 387 26.17 -3.20 -5.07
CA GLU B 387 26.27 -4.22 -4.03
C GLU B 387 25.80 -5.57 -4.57
#